data_5NHU
#
_entry.id   5NHU
#
_cell.length_a   110.710
_cell.length_b   78.640
_cell.length_c   136.109
_cell.angle_alpha   90.00
_cell.angle_beta   101.84
_cell.angle_gamma   90.00
#
_symmetry.space_group_name_H-M   'I 1 2 1'
#
loop_
_entity.id
_entity.type
_entity.pdbx_description
1 polymer Prothrombin
2 polymer Prothrombin
3 polymer AGAP008004-PA
4 non-polymer 2-acetamido-2-deoxy-beta-D-glucopyranose
5 non-polymer 'SODIUM ION'
6 water water
#
loop_
_entity_poly.entity_id
_entity_poly.type
_entity_poly.pdbx_seq_one_letter_code
_entity_poly.pdbx_strand_id
1 'polypeptide(L)' TFGSGEADCGLRPLFEKKSLEDKTERELLESYIDGR L,B,D
2 'polypeptide(L)'
;IVEGSDAEIGMSPWQVMLFRKSPQELLCGASLISDRWVLTAAHCLLYPPWDKNFTENDLLVRIGKHSRTRYERNIEKISM
LEKIYIHPRYNWRENLDRDIALMKLKKPVAFSDYIHPVCLPDRETAASLLQAGYKGRVTGWGNLKETWTANVGKGQPSVL
QVVNLPIVERPVCKDSTRIRITDNMFCAGYKPDEGKRGDACEGDSGGPFVMKSPFNNRWYQMGIVSWGEGCDRDGKYGFY
THVFRLKKWIQKVIDQFGE
;
H,A,C
3 'polypeptide(L)'
;APQYARGDVPTYDEEDFDEESLKPHSSSSSDDGEEEFDPSLLEEHADAPTARDPGRNPEFLRNSNTDEQASAPAASSSES
DE
;
I,J,K
#
loop_
_chem_comp.id
_chem_comp.type
_chem_comp.name
_chem_comp.formula
NA non-polymer 'SODIUM ION' 'Na 1'
NAG D-saccharide, beta linking 2-acetamido-2-deoxy-beta-D-glucopyranose 'C8 H15 N O6'
#
# COMPACT_ATOMS: atom_id res chain seq x y z
N THR A 1 -12.45 6.61 30.28
CA THR A 1 -13.02 7.13 29.04
C THR A 1 -12.56 6.30 27.84
N PHE A 2 -13.30 6.40 26.73
CA PHE A 2 -12.90 5.70 25.51
C PHE A 2 -11.55 6.18 25.00
N GLY A 3 -11.36 7.52 24.93
CA GLY A 3 -10.12 8.06 24.41
C GLY A 3 -8.90 7.59 25.18
N SER A 4 -9.01 7.45 26.50
CA SER A 4 -7.85 7.12 27.33
C SER A 4 -7.26 5.75 26.99
N GLY A 5 -8.10 4.76 26.64
CA GLY A 5 -7.54 3.50 26.22
C GLY A 5 -7.06 3.47 24.79
N GLU A 6 -7.29 4.54 24.04
CA GLU A 6 -7.06 4.44 22.61
C GLU A 6 -5.57 4.37 22.32
N ALA A 7 -4.78 5.16 23.03
CA ALA A 7 -3.37 5.30 22.68
C ALA A 7 -2.64 3.96 22.69
N ASP A 8 -2.96 3.07 23.64
CA ASP A 8 -2.31 1.78 23.75
C ASP A 8 -3.18 0.61 23.24
N CYS A 9 -4.28 0.87 22.50
CA CYS A 9 -5.15 -0.24 22.08
C CYS A 9 -4.38 -1.25 21.23
N GLY A 10 -4.83 -2.51 21.26
CA GLY A 10 -4.34 -3.45 20.31
C GLY A 10 -2.91 -3.91 20.52
N LEU A 11 -2.25 -3.54 21.63
CA LEU A 11 -0.87 -3.98 21.90
C LEU A 11 -0.93 -4.79 23.17
N ARG A 12 -0.65 -6.12 23.05
CA ARG A 12 -0.86 -6.98 24.22
C ARG A 12 0.32 -6.88 25.21
N PRO A 13 0.02 -6.73 26.50
CA PRO A 13 1.11 -6.70 27.49
C PRO A 13 2.02 -7.90 27.45
N LEU A 14 1.54 -9.11 27.13
CA LEU A 14 2.41 -10.28 27.25
C LEU A 14 3.03 -10.62 25.91
N PHE A 15 2.73 -9.85 24.87
CA PHE A 15 3.24 -10.10 23.51
C PHE A 15 3.89 -8.88 22.93
N GLU A 16 3.15 -8.00 22.26
CA GLU A 16 3.83 -6.85 21.63
C GLU A 16 4.64 -6.00 22.61
N LYS A 17 4.11 -5.78 23.82
CA LYS A 17 4.84 -4.89 24.71
C LYS A 17 6.14 -5.51 25.17
N LYS A 18 6.30 -6.85 25.10
CA LYS A 18 7.54 -7.52 25.45
C LYS A 18 8.31 -8.00 24.26
N SER A 19 7.90 -7.61 23.03
CA SER A 19 8.55 -8.06 21.79
C SER A 19 8.55 -9.58 21.65
N LEU A 20 7.43 -10.19 22.06
CA LEU A 20 7.24 -11.63 21.90
C LEU A 20 6.09 -11.88 20.95
N GLU A 21 6.17 -12.98 20.20
CA GLU A 21 5.10 -13.39 19.29
C GLU A 21 4.36 -14.59 19.83
N ASP A 22 3.05 -14.63 19.56
CA ASP A 22 2.29 -15.80 19.97
C ASP A 22 2.53 -16.95 18.98
N LYS A 23 1.96 -18.11 19.28
CA LYS A 23 2.33 -19.33 18.54
C LYS A 23 1.81 -19.35 17.11
N THR A 24 0.76 -18.58 16.78
CA THR A 24 0.25 -18.71 15.41
C THR A 24 0.13 -17.40 14.68
N GLU A 25 0.71 -16.29 15.22
CA GLU A 25 0.45 -15.04 14.53
C GLU A 25 1.28 -14.96 13.28
N ARG A 26 2.39 -15.67 13.20
CA ARG A 26 3.17 -15.68 11.95
C ARG A 26 2.32 -16.17 10.75
N GLU A 27 1.33 -17.03 10.99
CA GLU A 27 0.44 -17.44 9.89
C GLU A 27 -0.31 -16.25 9.33
N LEU A 28 -0.74 -15.35 10.20
CA LEU A 28 -1.47 -14.17 9.73
C LEU A 28 -0.54 -13.33 8.87
N LEU A 29 0.65 -13.02 9.39
CA LEU A 29 1.54 -12.14 8.62
C LEU A 29 1.97 -12.78 7.32
N GLU A 30 2.23 -14.09 7.34
CA GLU A 30 2.55 -14.81 6.10
C GLU A 30 1.40 -14.76 5.07
N SER A 31 0.12 -14.72 5.51
CA SER A 31 -0.97 -14.59 4.54
C SER A 31 -0.90 -13.27 3.79
N TYR A 32 -0.33 -12.21 4.39
CA TYR A 32 -0.20 -10.94 3.69
C TYR A 32 0.88 -11.04 2.65
N ILE A 33 1.91 -11.84 2.95
CA ILE A 33 3.11 -11.88 2.13
C ILE A 33 2.98 -12.91 1.01
N ASP A 34 2.49 -14.13 1.35
CA ASP A 34 2.60 -15.31 0.48
C ASP A 34 1.25 -15.96 0.23
N GLY A 35 0.17 -15.43 0.75
CA GLY A 35 -1.14 -16.06 0.76
C GLY A 35 -2.05 -15.79 -0.43
N ARG A 36 -1.56 -15.12 -1.46
CA ARG A 36 -2.48 -14.66 -2.50
C ARG A 36 -2.03 -15.12 -3.86
N ILE B 1 -15.39 -22.91 18.50
CA ILE B 1 -14.48 -22.83 17.31
C ILE B 1 -14.23 -24.26 16.87
N VAL B 2 -14.39 -24.50 15.58
CA VAL B 2 -14.14 -25.81 14.99
C VAL B 2 -12.73 -25.81 14.43
N GLU B 3 -11.96 -26.87 14.73
CA GLU B 3 -10.59 -27.07 14.20
C GLU B 3 -9.65 -25.95 14.61
N GLY B 4 -9.83 -25.42 15.81
CA GLY B 4 -8.88 -24.45 16.36
C GLY B 4 -7.94 -25.11 17.36
N SER B 5 -7.29 -24.27 18.15
CA SER B 5 -6.31 -24.75 19.13
C SER B 5 -6.49 -23.94 20.39
N ASP B 6 -5.87 -24.39 21.47
CA ASP B 6 -6.01 -23.65 22.71
C ASP B 6 -5.28 -22.30 22.60
N ALA B 7 -5.94 -21.24 23.03
CA ALA B 7 -5.29 -19.94 23.04
C ALA B 7 -4.30 -19.90 24.18
N GLU B 8 -3.20 -19.17 23.99
CA GLU B 8 -2.25 -18.95 25.06
C GLU B 8 -2.79 -17.94 26.04
N ILE B 9 -2.29 -18.00 27.28
CA ILE B 9 -2.66 -16.99 28.25
C ILE B 9 -2.26 -15.60 27.73
N GLY B 10 -3.19 -14.65 27.83
CA GLY B 10 -2.88 -13.30 27.46
C GLY B 10 -2.90 -13.05 25.97
N MET B 11 -3.25 -14.04 25.16
CA MET B 11 -3.14 -13.88 23.70
C MET B 11 -4.27 -13.04 23.14
N SER B 12 -5.44 -13.03 23.79
N SER B 12 -5.44 -13.08 23.81
CA SER B 12 -6.58 -12.25 23.28
CA SER B 12 -6.64 -12.34 23.39
C SER B 12 -7.19 -11.49 24.45
C SER B 12 -7.15 -11.60 24.62
N PRO B 13 -6.48 -10.52 25.02
CA PRO B 13 -6.88 -9.91 26.32
C PRO B 13 -8.11 -9.03 26.22
N TRP B 14 -8.59 -8.80 25.00
CA TRP B 14 -9.87 -8.12 24.75
C TRP B 14 -11.02 -9.11 24.68
N GLN B 15 -10.75 -10.41 24.81
CA GLN B 15 -11.88 -11.35 24.67
C GLN B 15 -12.79 -11.23 25.88
N VAL B 16 -14.12 -11.19 25.63
CA VAL B 16 -15.09 -11.08 26.72
C VAL B 16 -16.05 -12.27 26.58
N MET B 17 -16.44 -12.85 27.71
CA MET B 17 -17.49 -13.90 27.73
C MET B 17 -18.78 -13.28 28.20
N LEU B 18 -19.86 -13.49 27.45
N LEU B 18 -19.85 -13.50 27.43
CA LEU B 18 -21.18 -12.99 27.88
CA LEU B 18 -21.18 -13.07 27.84
C LEU B 18 -21.96 -14.17 28.45
C LEU B 18 -21.85 -14.25 28.51
N PHE B 19 -22.40 -14.03 29.71
CA PHE B 19 -22.85 -15.14 30.54
C PHE B 19 -24.23 -14.82 31.05
N ARG B 20 -25.18 -15.74 30.83
CA ARG B 20 -26.55 -15.53 31.29
C ARG B 20 -26.63 -15.74 32.81
N LYS B 21 -27.38 -14.85 33.50
CA LYS B 21 -27.54 -15.03 34.94
C LYS B 21 -28.52 -16.14 35.30
N SER B 22 -29.66 -16.28 34.55
CA SER B 22 -30.66 -17.24 34.99
C SER B 22 -31.38 -17.83 33.78
N PRO B 23 -31.20 -19.13 33.49
CA PRO B 23 -30.26 -20.06 34.17
C PRO B 23 -28.82 -19.71 33.69
N GLN B 24 -27.87 -20.19 34.46
CA GLN B 24 -26.47 -19.88 34.17
C GLN B 24 -26.03 -20.63 32.92
N GLU B 25 -25.56 -19.89 31.91
CA GLU B 25 -25.24 -20.45 30.61
C GLU B 25 -24.21 -19.53 29.98
N LEU B 26 -23.28 -20.14 29.21
CA LEU B 26 -22.44 -19.36 28.29
C LEU B 26 -23.29 -18.94 27.10
N LEU B 27 -23.36 -17.66 26.81
CA LEU B 27 -24.18 -17.14 25.72
C LEU B 27 -23.37 -16.85 24.46
N CYS B 28 -22.28 -16.13 24.58
CA CYS B 28 -21.68 -15.54 23.38
C CYS B 28 -20.31 -15.01 23.76
N GLY B 29 -19.56 -14.60 22.74
CA GLY B 29 -18.38 -13.81 22.94
C GLY B 29 -18.69 -12.32 22.79
N ALA B 30 -17.66 -11.54 23.05
CA ALA B 30 -17.74 -10.07 22.98
C ALA B 30 -16.29 -9.59 22.99
N SER B 31 -16.12 -8.29 22.88
CA SER B 31 -14.73 -7.77 22.91
C SER B 31 -14.70 -6.46 23.67
N LEU B 32 -13.58 -6.22 24.35
CA LEU B 32 -13.39 -5.00 25.13
C LEU B 32 -12.75 -3.94 24.24
N ILE B 33 -13.43 -2.81 24.08
CA ILE B 33 -12.91 -1.73 23.24
C ILE B 33 -12.49 -0.48 24.04
N SER B 34 -12.80 -0.41 25.33
CA SER B 34 -12.31 0.65 26.21
C SER B 34 -12.58 0.16 27.63
N ASP B 35 -12.26 1.00 28.63
CA ASP B 35 -12.48 0.50 29.98
C ASP B 35 -13.96 0.37 30.37
N ARG B 36 -14.90 0.87 29.56
CA ARG B 36 -16.32 0.81 29.91
C ARG B 36 -17.18 0.23 28.80
N TRP B 37 -16.63 -0.06 27.64
CA TRP B 37 -17.48 -0.44 26.52
C TRP B 37 -17.06 -1.77 25.92
N VAL B 38 -18.08 -2.60 25.62
CA VAL B 38 -17.92 -3.94 25.11
C VAL B 38 -18.75 -4.03 23.84
N LEU B 39 -18.18 -4.62 22.81
CA LEU B 39 -18.84 -4.82 21.52
C LEU B 39 -19.25 -6.28 21.37
N THR B 40 -20.44 -6.52 20.83
CA THR B 40 -20.88 -7.90 20.58
C THR B 40 -21.80 -7.90 19.36
N ALA B 41 -22.35 -9.06 19.08
CA ALA B 41 -23.40 -9.21 18.04
C ALA B 41 -24.76 -8.89 18.62
N ALA B 42 -25.58 -8.16 17.85
CA ALA B 42 -26.97 -7.90 18.28
C ALA B 42 -27.74 -9.17 18.58
N HIS B 43 -27.54 -10.24 17.80
CA HIS B 43 -28.37 -11.42 18.00
C HIS B 43 -28.01 -12.19 19.27
N CYS B 44 -26.87 -11.89 19.89
CA CYS B 44 -26.57 -12.38 21.25
C CYS B 44 -27.50 -11.81 22.30
N LEU B 45 -28.08 -10.64 22.04
CA LEU B 45 -28.93 -9.93 23.00
C LEU B 45 -30.40 -9.92 22.61
N LEU B 46 -30.70 -9.90 21.29
CA LEU B 46 -32.06 -9.69 20.79
C LEU B 46 -32.29 -10.60 19.57
N TYR B 47 -33.24 -11.53 19.68
CA TYR B 47 -33.59 -12.43 18.58
C TYR B 47 -35.05 -12.78 18.79
N PRO B 48 -35.96 -11.96 18.27
CA PRO B 48 -37.38 -12.15 18.46
C PRO B 48 -37.89 -13.53 18.05
N PRO B 49 -37.36 -14.19 16.99
CA PRO B 49 -37.95 -15.50 16.65
C PRO B 49 -37.79 -16.54 17.76
N TRP B 50 -36.85 -16.35 18.71
CA TRP B 50 -36.71 -17.27 19.82
C TRP B 50 -37.11 -16.64 21.13
N ASP B 51 -37.84 -15.52 21.06
CA ASP B 51 -38.22 -14.81 22.30
C ASP B 51 -36.99 -14.47 23.15
N LYS B 52 -35.92 -13.99 22.49
N LYS B 52 -35.96 -13.90 22.52
CA LYS B 52 -34.74 -13.46 23.15
CA LYS B 52 -34.72 -13.54 23.18
C LYS B 52 -34.81 -11.94 23.18
C LYS B 52 -34.60 -12.01 23.16
N ASN B 53 -34.64 -11.36 24.35
CA ASN B 53 -34.55 -9.89 24.47
C ASN B 53 -33.98 -9.54 25.84
N PHE B 54 -32.66 -9.66 26.00
CA PHE B 54 -32.07 -9.49 27.33
C PHE B 54 -32.10 -8.02 27.80
N THR B 55 -32.40 -7.82 29.07
CA THR B 55 -32.13 -6.51 29.66
C THR B 55 -30.75 -6.48 30.32
N GLU B 56 -30.34 -5.27 30.73
CA GLU B 56 -29.03 -5.15 31.33
C GLU B 56 -28.86 -6.02 32.55
N ASN B 57 -29.91 -6.26 33.32
CA ASN B 57 -29.81 -7.06 34.52
C ASN B 57 -29.81 -8.56 34.27
N ASP B 58 -29.89 -9.00 33.01
CA ASP B 58 -29.99 -10.42 32.75
C ASP B 58 -28.66 -11.08 32.53
N LEU B 59 -27.59 -10.27 32.41
CA LEU B 59 -26.36 -10.81 31.88
C LEU B 59 -25.19 -10.33 32.71
N LEU B 60 -24.13 -11.09 32.62
CA LEU B 60 -22.82 -10.65 33.13
C LEU B 60 -21.81 -10.65 32.02
N VAL B 61 -20.78 -9.82 32.18
CA VAL B 61 -19.65 -9.87 31.24
C VAL B 61 -18.44 -10.28 32.03
N ARG B 62 -17.75 -11.31 31.55
CA ARG B 62 -16.61 -11.89 32.27
C ARG B 62 -15.40 -11.62 31.40
N ILE B 63 -14.41 -10.93 31.99
CA ILE B 63 -13.27 -10.35 31.26
C ILE B 63 -12.01 -10.99 31.81
N GLY B 64 -11.00 -11.16 30.97
CA GLY B 64 -9.74 -11.73 31.45
C GLY B 64 -9.67 -13.24 31.52
N LYS B 65 -10.67 -13.97 30.96
CA LYS B 65 -10.74 -15.42 31.14
C LYS B 65 -9.93 -16.21 30.15
N HIS B 66 -9.60 -17.41 30.58
CA HIS B 66 -8.92 -18.42 29.79
C HIS B 66 -9.76 -19.70 29.88
N SER B 67 -9.86 -20.26 31.10
CA SER B 67 -10.73 -21.42 31.33
C SER B 67 -12.19 -21.08 31.04
N ARG B 68 -12.91 -22.00 30.38
CA ARG B 68 -14.32 -21.77 30.18
C ARG B 68 -15.10 -21.84 31.52
N THR B 69 -14.68 -22.69 32.45
CA THR B 69 -15.52 -23.04 33.60
C THR B 69 -15.03 -22.51 34.93
N ARG B 70 -13.72 -22.37 35.15
CA ARG B 70 -13.23 -22.02 36.49
C ARG B 70 -13.37 -20.50 36.63
N TYR B 71 -13.85 -20.07 37.80
CA TYR B 71 -13.67 -18.66 38.16
C TYR B 71 -12.19 -18.40 38.43
N GLU B 72 -11.61 -17.55 37.58
CA GLU B 72 -10.15 -17.38 37.56
C GLU B 72 -9.79 -16.28 38.55
N ARG B 73 -9.78 -16.67 39.81
N ARG B 73 -9.85 -16.61 39.83
CA ARG B 73 -9.28 -15.85 40.89
CA ARG B 73 -9.59 -15.64 40.89
C ARG B 73 -8.01 -15.07 40.51
C ARG B 73 -8.15 -15.13 40.81
N ASN B 74 -8.00 -13.80 40.86
CA ASN B 74 -6.77 -12.98 40.71
C ASN B 74 -6.70 -12.31 39.35
N ILE B 75 -7.50 -12.76 38.39
CA ILE B 75 -7.35 -12.39 37.00
C ILE B 75 -8.69 -12.00 36.42
N GLU B 76 -9.67 -12.89 36.47
CA GLU B 76 -10.93 -12.58 35.84
C GLU B 76 -11.63 -11.40 36.52
N LYS B 77 -12.38 -10.62 35.75
CA LYS B 77 -13.29 -9.60 36.29
C LYS B 77 -14.71 -9.88 35.79
N ILE B 78 -15.67 -9.87 36.71
CA ILE B 78 -17.07 -10.00 36.32
C ILE B 78 -17.70 -8.61 36.46
N SER B 79 -18.25 -8.08 35.38
CA SER B 79 -18.77 -6.73 35.38
C SER B 79 -20.25 -6.81 35.09
N MET B 80 -21.02 -5.90 35.69
CA MET B 80 -22.44 -5.71 35.40
C MET B 80 -22.61 -4.64 34.34
N LEU B 81 -23.75 -4.69 33.66
CA LEU B 81 -24.05 -3.79 32.56
C LEU B 81 -24.90 -2.61 33.03
N GLU B 82 -24.50 -1.43 32.58
CA GLU B 82 -25.32 -0.24 32.75
C GLU B 82 -26.38 -0.15 31.66
N LYS B 83 -26.01 -0.39 30.42
CA LYS B 83 -26.97 -0.20 29.33
C LYS B 83 -26.54 -1.01 28.11
N ILE B 84 -27.52 -1.54 27.36
CA ILE B 84 -27.31 -2.20 26.09
C ILE B 84 -27.85 -1.27 25.01
N TYR B 85 -27.12 -1.21 23.87
CA TYR B 85 -27.46 -0.42 22.69
C TYR B 85 -27.41 -1.32 21.47
N ILE B 86 -28.57 -1.56 20.86
N ILE B 86 -28.52 -1.58 20.85
CA ILE B 86 -28.69 -2.39 19.66
CA ILE B 86 -28.49 -2.42 19.66
C ILE B 86 -28.68 -1.44 18.48
C ILE B 86 -28.72 -1.52 18.46
N HIS B 87 -28.02 -1.81 17.38
CA HIS B 87 -28.11 -0.97 16.20
C HIS B 87 -29.58 -0.88 15.80
N PRO B 88 -30.11 0.32 15.55
CA PRO B 88 -31.54 0.44 15.21
C PRO B 88 -31.95 -0.18 13.86
N ARG B 89 -31.00 -0.48 12.96
CA ARG B 89 -31.34 -1.10 11.70
C ARG B 89 -30.91 -2.56 11.64
N TYR B 90 -30.62 -3.16 12.79
CA TYR B 90 -30.37 -4.58 12.86
C TYR B 90 -31.53 -5.35 12.23
N ASN B 91 -31.20 -6.19 11.27
CA ASN B 91 -32.21 -6.89 10.45
C ASN B 91 -32.14 -8.37 10.77
N TRP B 92 -32.80 -8.76 11.86
CA TRP B 92 -32.81 -10.17 12.22
C TRP B 92 -33.74 -11.01 11.32
N ARG B 93 -34.73 -10.39 10.64
CA ARG B 93 -35.74 -11.15 9.87
C ARG B 93 -35.12 -11.73 8.61
N GLU B 94 -34.25 -10.98 7.93
CA GLU B 94 -33.84 -11.32 6.55
C GLU B 94 -32.48 -11.96 6.47
N ASN B 95 -31.46 -11.34 7.10
CA ASN B 95 -30.08 -11.78 6.85
C ASN B 95 -29.13 -11.37 7.97
N LEU B 96 -29.64 -10.97 9.14
CA LEU B 96 -28.78 -10.49 10.23
C LEU B 96 -27.88 -9.33 9.78
N ASP B 97 -28.35 -8.51 8.85
CA ASP B 97 -27.61 -7.28 8.54
C ASP B 97 -27.49 -6.41 9.79
N ARG B 98 -26.30 -5.77 9.94
CA ARG B 98 -26.06 -4.84 11.06
C ARG B 98 -26.15 -5.55 12.40
N ASP B 99 -25.56 -6.75 12.46
CA ASP B 99 -25.59 -7.58 13.65
C ASP B 99 -24.51 -7.07 14.63
N ILE B 100 -24.89 -6.05 15.39
CA ILE B 100 -23.91 -5.30 16.20
C ILE B 100 -24.66 -4.68 17.38
N ALA B 101 -24.02 -4.71 18.56
CA ALA B 101 -24.54 -4.06 19.74
C ALA B 101 -23.36 -3.65 20.59
N LEU B 102 -23.61 -2.63 21.40
CA LEU B 102 -22.65 -2.15 22.38
C LEU B 102 -23.25 -2.33 23.78
N MET B 103 -22.34 -2.59 24.77
CA MET B 103 -22.77 -2.72 26.16
C MET B 103 -21.86 -1.82 26.98
N LYS B 104 -22.46 -0.98 27.82
CA LYS B 104 -21.71 -0.08 28.68
C LYS B 104 -21.65 -0.71 30.06
N LEU B 105 -20.43 -0.86 30.59
CA LEU B 105 -20.26 -1.39 31.95
C LEU B 105 -20.62 -0.34 33.01
N LYS B 106 -21.14 -0.83 34.15
CA LYS B 106 -21.50 0.06 35.26
C LYS B 106 -20.28 0.76 35.84
N LYS B 107 -19.13 0.09 35.83
CA LYS B 107 -17.88 0.62 36.36
C LYS B 107 -16.75 0.29 35.41
N PRO B 108 -15.73 1.15 35.33
CA PRO B 108 -14.62 0.83 34.42
C PRO B 108 -13.84 -0.37 34.92
N VAL B 109 -13.32 -1.14 33.96
CA VAL B 109 -12.54 -2.34 34.29
C VAL B 109 -11.07 -1.93 34.31
N ALA B 110 -10.36 -2.40 35.33
CA ALA B 110 -8.91 -2.16 35.44
C ALA B 110 -8.20 -3.03 34.41
N PHE B 111 -7.39 -2.44 33.55
CA PHE B 111 -6.57 -3.19 32.63
C PHE B 111 -5.47 -3.93 33.37
N SER B 112 -4.99 -5.00 32.71
CA SER B 112 -3.94 -5.83 33.34
C SER B 112 -3.27 -6.58 32.21
N ASP B 113 -2.36 -7.48 32.57
CA ASP B 113 -1.75 -8.27 31.48
C ASP B 113 -2.79 -9.14 30.75
N TYR B 114 -3.95 -9.34 31.34
CA TYR B 114 -4.95 -10.27 30.83
C TYR B 114 -6.15 -9.54 30.30
N ILE B 115 -6.23 -8.24 30.49
CA ILE B 115 -7.40 -7.42 30.18
C ILE B 115 -6.91 -6.16 29.48
N HIS B 116 -7.25 -5.99 28.19
CA HIS B 116 -6.70 -4.85 27.48
C HIS B 116 -7.54 -4.69 26.22
N PRO B 117 -7.86 -3.47 25.80
CA PRO B 117 -8.77 -3.28 24.66
C PRO B 117 -8.09 -3.50 23.30
N VAL B 118 -8.94 -3.94 22.34
CA VAL B 118 -8.55 -4.03 20.95
C VAL B 118 -8.79 -2.71 20.24
N CYS B 119 -8.06 -2.44 19.12
CA CYS B 119 -8.33 -1.23 18.39
C CYS B 119 -9.49 -1.41 17.42
N LEU B 120 -10.22 -0.33 17.22
CA LEU B 120 -11.15 -0.31 16.07
C LEU B 120 -10.42 0.19 14.81
N PRO B 121 -10.76 -0.34 13.64
CA PRO B 121 -10.07 0.04 12.42
C PRO B 121 -10.39 1.45 12.00
N ASP B 122 -9.40 2.12 11.42
CA ASP B 122 -9.73 3.34 10.72
C ASP B 122 -9.80 3.07 9.21
N ARG B 123 -10.09 4.14 8.47
CA ARG B 123 -10.28 4.06 7.01
C ARG B 123 -9.13 3.32 6.34
N GLU B 124 -7.89 3.73 6.67
CA GLU B 124 -6.76 3.07 5.99
C GLU B 124 -6.48 1.65 6.50
N THR B 125 -6.83 1.31 7.74
CA THR B 125 -6.74 -0.10 8.13
C THR B 125 -7.65 -0.94 7.26
N ALA B 126 -8.92 -0.52 7.16
CA ALA B 126 -9.88 -1.29 6.37
C ALA B 126 -9.40 -1.43 4.92
N ALA B 127 -8.92 -0.32 4.33
CA ALA B 127 -8.40 -0.36 2.96
C ALA B 127 -7.27 -1.37 2.84
N SER B 128 -6.36 -1.41 3.81
CA SER B 128 -5.19 -2.26 3.64
C SER B 128 -5.46 -3.71 3.96
N LEU B 129 -6.31 -3.99 4.96
CA LEU B 129 -6.36 -5.35 5.50
C LEU B 129 -7.54 -6.19 4.99
N LEU B 130 -8.59 -5.59 4.44
CA LEU B 130 -9.77 -6.41 4.10
C LEU B 130 -9.61 -6.85 2.64
N GLN B 131 -8.83 -7.91 2.44
N GLN B 131 -8.82 -7.92 2.46
CA GLN B 131 -8.51 -8.39 1.10
CA GLN B 131 -8.33 -8.43 1.17
C GLN B 131 -8.57 -9.91 1.11
C GLN B 131 -8.60 -9.93 1.15
N ALA B 132 -9.17 -10.47 0.05
CA ALA B 132 -9.29 -11.94 -0.03
C ALA B 132 -7.94 -12.65 0.11
N GLY B 133 -7.91 -13.66 0.96
CA GLY B 133 -6.72 -14.43 1.19
C GLY B 133 -5.93 -13.99 2.40
N TYR B 134 -6.09 -12.74 2.84
CA TYR B 134 -5.48 -12.33 4.10
C TYR B 134 -6.23 -13.01 5.23
N LYS B 135 -5.50 -13.47 6.23
CA LYS B 135 -6.16 -14.14 7.36
C LYS B 135 -6.37 -13.22 8.55
N GLY B 136 -7.50 -13.44 9.22
CA GLY B 136 -7.77 -12.92 10.53
C GLY B 136 -7.96 -14.03 11.55
N ARG B 137 -8.16 -13.62 12.79
CA ARG B 137 -8.17 -14.59 13.89
C ARG B 137 -9.48 -14.48 14.65
N VAL B 138 -10.10 -15.65 14.92
CA VAL B 138 -11.37 -15.71 15.65
C VAL B 138 -11.08 -16.49 16.92
N THR B 139 -11.69 -16.07 18.03
CA THR B 139 -11.47 -16.74 19.32
C THR B 139 -12.81 -16.88 20.02
N GLY B 140 -12.90 -17.92 20.83
CA GLY B 140 -14.10 -18.06 21.64
C GLY B 140 -14.14 -19.39 22.39
N TRP B 141 -15.20 -19.50 23.18
CA TRP B 141 -15.51 -20.70 23.95
C TRP B 141 -16.68 -21.48 23.38
N GLY B 142 -17.02 -21.18 22.13
CA GLY B 142 -18.16 -21.87 21.50
C GLY B 142 -17.86 -23.34 21.30
N ASN B 143 -18.86 -24.02 20.73
CA ASN B 143 -18.74 -25.47 20.60
C ASN B 143 -17.68 -25.83 19.55
N LEU B 144 -17.20 -27.08 19.70
CA LEU B 144 -16.09 -27.55 18.87
C LEU B 144 -16.57 -28.22 17.59
N LYS B 145 -17.88 -28.43 17.41
CA LYS B 145 -18.40 -29.09 16.23
C LYS B 145 -19.85 -28.63 16.13
N GLU B 146 -20.36 -28.56 14.90
CA GLU B 146 -21.77 -28.31 14.71
C GLU B 146 -22.55 -29.35 15.47
N THR B 147 -23.65 -28.93 16.12
CA THR B 147 -24.34 -29.82 17.06
C THR B 147 -25.57 -30.48 16.40
N LYS B 154 -21.02 -32.96 24.45
CA LYS B 154 -21.59 -31.62 24.39
C LYS B 154 -20.75 -30.67 23.53
N GLY B 155 -19.50 -31.06 23.27
CA GLY B 155 -18.60 -30.30 22.40
C GLY B 155 -18.08 -29.00 22.96
N GLN B 156 -18.00 -28.88 24.29
CA GLN B 156 -17.51 -27.62 24.86
C GLN B 156 -16.00 -27.67 25.12
N PRO B 157 -15.29 -26.59 24.87
CA PRO B 157 -13.84 -26.59 25.09
C PRO B 157 -13.49 -26.31 26.55
N SER B 158 -12.35 -26.84 26.98
N SER B 158 -12.35 -26.85 26.97
CA SER B 158 -11.88 -26.56 28.34
CA SER B 158 -11.93 -26.57 28.33
C SER B 158 -11.40 -25.12 28.49
C SER B 158 -11.38 -25.15 28.50
N VAL B 159 -10.74 -24.60 27.45
CA VAL B 159 -10.16 -23.27 27.49
C VAL B 159 -10.48 -22.55 26.18
N LEU B 160 -10.29 -21.22 26.20
CA LEU B 160 -10.50 -20.37 25.02
C LEU B 160 -9.81 -21.00 23.80
N GLN B 161 -10.51 -21.06 22.65
CA GLN B 161 -9.91 -21.56 21.41
C GLN B 161 -9.67 -20.40 20.44
N VAL B 162 -8.79 -20.69 19.48
CA VAL B 162 -8.38 -19.73 18.43
C VAL B 162 -8.27 -20.46 17.11
N VAL B 163 -8.68 -19.78 16.02
CA VAL B 163 -8.38 -20.27 14.68
C VAL B 163 -8.15 -19.08 13.79
N ASN B 164 -7.25 -19.23 12.85
CA ASN B 164 -6.99 -18.21 11.83
C ASN B 164 -7.66 -18.62 10.50
N LEU B 165 -8.37 -17.67 9.89
CA LEU B 165 -9.24 -17.92 8.72
C LEU B 165 -9.05 -16.85 7.66
N PRO B 166 -8.95 -17.24 6.40
CA PRO B 166 -8.79 -16.23 5.31
C PRO B 166 -10.12 -15.56 4.91
N ILE B 167 -10.04 -14.26 4.65
CA ILE B 167 -11.14 -13.51 4.05
C ILE B 167 -11.38 -14.03 2.65
N VAL B 168 -12.67 -14.16 2.28
CA VAL B 168 -13.06 -14.75 1.01
C VAL B 168 -13.53 -13.67 0.03
N GLU B 169 -13.41 -13.94 -1.27
CA GLU B 169 -13.83 -13.01 -2.31
C GLU B 169 -15.31 -12.71 -2.15
N ARG B 170 -15.71 -11.45 -2.37
CA ARG B 170 -17.13 -11.09 -2.32
C ARG B 170 -18.01 -11.98 -3.18
N PRO B 171 -17.70 -12.26 -4.45
CA PRO B 171 -18.60 -13.12 -5.23
C PRO B 171 -18.71 -14.53 -4.70
N VAL B 172 -17.64 -15.11 -4.14
CA VAL B 172 -17.67 -16.43 -3.56
C VAL B 172 -18.56 -16.44 -2.33
N CYS B 173 -18.47 -15.41 -1.51
CA CYS B 173 -19.38 -15.28 -0.37
C CYS B 173 -20.83 -15.24 -0.86
N LYS B 174 -21.10 -14.42 -1.87
CA LYS B 174 -22.47 -14.23 -2.36
C LYS B 174 -23.00 -15.52 -2.98
N ASP B 175 -22.14 -16.26 -3.67
CA ASP B 175 -22.61 -17.45 -4.36
C ASP B 175 -22.73 -18.65 -3.42
N SER B 176 -22.26 -18.55 -2.20
CA SER B 176 -22.27 -19.67 -1.29
C SER B 176 -23.59 -19.86 -0.57
N THR B 177 -24.50 -18.91 -0.67
CA THR B 177 -25.73 -18.89 0.14
C THR B 177 -26.84 -18.26 -0.70
N ARG B 178 -28.09 -18.71 -0.47
CA ARG B 178 -29.21 -18.06 -1.13
C ARG B 178 -29.67 -16.80 -0.41
N ILE B 179 -29.15 -16.56 0.81
CA ILE B 179 -29.54 -15.37 1.56
C ILE B 179 -28.93 -14.11 0.92
N ARG B 180 -29.66 -13.01 0.97
CA ARG B 180 -29.16 -11.72 0.48
C ARG B 180 -28.13 -11.18 1.47
N ILE B 181 -26.88 -11.14 1.06
CA ILE B 181 -25.86 -10.60 1.92
C ILE B 181 -25.57 -9.15 1.52
N THR B 182 -24.96 -8.39 2.44
CA THR B 182 -24.84 -6.95 2.24
C THR B 182 -23.36 -6.57 2.44
N ASP B 183 -23.02 -5.33 2.06
CA ASP B 183 -21.62 -4.95 2.35
C ASP B 183 -21.38 -4.67 3.81
N ASN B 184 -22.37 -4.77 4.70
CA ASN B 184 -22.11 -4.70 6.15
C ASN B 184 -21.64 -5.99 6.73
N MET B 185 -21.43 -6.97 5.90
CA MET B 185 -20.83 -8.23 6.35
C MET B 185 -19.71 -8.59 5.37
N PHE B 186 -18.78 -9.41 5.83
CA PHE B 186 -17.86 -10.10 4.92
C PHE B 186 -17.82 -11.56 5.36
N CYS B 187 -17.19 -12.42 4.58
CA CYS B 187 -17.13 -13.84 4.95
C CYS B 187 -15.67 -14.31 4.93
N ALA B 188 -15.45 -15.35 5.73
CA ALA B 188 -14.11 -15.90 5.92
C ALA B 188 -14.20 -17.41 6.10
N GLY B 189 -13.13 -18.08 5.77
CA GLY B 189 -13.05 -19.56 5.84
C GLY B 189 -12.29 -20.13 4.69
N TYR B 190 -11.90 -21.40 4.83
CA TYR B 190 -11.18 -22.11 3.80
C TYR B 190 -12.12 -22.68 2.77
N LYS B 191 -11.56 -22.87 1.57
CA LYS B 191 -12.34 -23.44 0.47
C LYS B 191 -12.35 -24.96 0.56
N PRO B 192 -13.36 -25.61 -0.03
CA PRO B 192 -13.42 -27.07 0.05
C PRO B 192 -12.22 -27.72 -0.64
N ASP B 193 -11.83 -28.89 -0.12
CA ASP B 193 -10.82 -29.78 -0.73
C ASP B 193 -9.39 -29.25 -0.64
N GLU B 194 -9.17 -28.25 0.20
CA GLU B 194 -7.87 -27.60 0.30
C GLU B 194 -7.14 -27.88 1.60
N GLY B 195 -7.51 -28.93 2.32
CA GLY B 195 -6.73 -29.33 3.46
C GLY B 195 -7.27 -28.67 4.70
N LYS B 196 -6.69 -27.55 5.10
CA LYS B 196 -7.12 -26.94 6.36
C LYS B 196 -8.58 -26.49 6.31
N ARG B 197 -9.25 -26.53 7.47
CA ARG B 197 -10.62 -26.06 7.56
C ARG B 197 -10.76 -25.32 8.88
N GLY B 198 -11.98 -25.14 9.34
CA GLY B 198 -12.19 -24.35 10.55
C GLY B 198 -13.23 -23.29 10.41
N ASP B 199 -13.85 -22.92 11.54
CA ASP B 199 -14.94 -21.95 11.53
C ASP B 199 -15.26 -21.56 12.98
N ALA B 200 -15.98 -20.46 13.14
CA ALA B 200 -16.60 -20.23 14.43
C ALA B 200 -17.83 -21.15 14.56
N CYS B 201 -18.35 -21.31 15.78
CA CYS B 201 -19.56 -22.12 15.92
C CYS B 201 -20.42 -21.58 17.06
N GLU B 202 -21.43 -22.37 17.49
CA GLU B 202 -22.41 -21.84 18.46
C GLU B 202 -21.72 -21.37 19.74
N GLY B 203 -22.07 -20.19 20.19
CA GLY B 203 -21.46 -19.61 21.39
C GLY B 203 -20.22 -18.79 21.08
N ASP B 204 -19.71 -18.82 19.83
CA ASP B 204 -18.60 -17.90 19.47
C ASP B 204 -19.13 -16.58 18.92
N SER B 205 -20.44 -16.54 18.57
CA SER B 205 -21.07 -15.31 18.09
C SER B 205 -20.77 -14.13 19.00
N GLY B 206 -20.57 -13.00 18.38
CA GLY B 206 -20.32 -11.77 19.13
C GLY B 206 -18.87 -11.56 19.43
N GLY B 207 -18.05 -12.62 19.30
CA GLY B 207 -16.61 -12.47 19.50
C GLY B 207 -15.95 -11.79 18.32
N PRO B 208 -14.68 -11.44 18.49
CA PRO B 208 -13.99 -10.61 17.49
C PRO B 208 -13.25 -11.42 16.44
N PHE B 209 -13.25 -10.89 15.23
CA PHE B 209 -12.37 -11.31 14.12
C PHE B 209 -11.32 -10.20 14.03
N VAL B 210 -10.11 -10.54 14.43
CA VAL B 210 -9.08 -9.52 14.56
C VAL B 210 -8.00 -9.76 13.52
N MET B 211 -7.30 -8.66 13.20
CA MET B 211 -6.19 -8.76 12.27
C MET B 211 -5.03 -7.94 12.82
N LYS B 212 -3.80 -8.42 12.63
CA LYS B 212 -2.64 -7.66 13.10
C LYS B 212 -2.10 -6.83 11.96
N SER B 213 -1.94 -5.52 12.18
CA SER B 213 -1.45 -4.69 11.12
C SER B 213 0.06 -4.90 10.92
N PRO B 214 0.55 -5.06 9.69
CA PRO B 214 2.00 -5.08 9.47
C PRO B 214 2.63 -3.71 9.44
N PHE B 215 1.77 -2.65 9.46
CA PHE B 215 2.27 -1.30 9.39
C PHE B 215 2.56 -0.76 10.78
N ASN B 216 1.78 -1.16 11.77
CA ASN B 216 2.02 -0.60 13.10
C ASN B 216 1.95 -1.62 14.22
N ASN B 217 1.77 -2.90 13.87
CA ASN B 217 1.80 -4.05 14.77
C ASN B 217 0.71 -4.04 15.84
N ARG B 218 -0.33 -3.27 15.62
CA ARG B 218 -1.51 -3.35 16.49
C ARG B 218 -2.53 -4.32 15.96
N TRP B 219 -3.30 -4.86 16.90
CA TRP B 219 -4.45 -5.70 16.58
C TRP B 219 -5.69 -4.86 16.42
N TYR B 220 -6.38 -5.06 15.29
CA TYR B 220 -7.62 -4.34 15.01
C TYR B 220 -8.78 -5.31 14.88
N GLN B 221 -9.90 -4.94 15.45
CA GLN B 221 -11.10 -5.77 15.29
C GLN B 221 -11.81 -5.41 13.97
N MET B 222 -11.67 -6.27 12.98
CA MET B 222 -12.28 -6.02 11.67
C MET B 222 -13.71 -6.58 11.60
N GLY B 223 -14.00 -7.62 12.38
CA GLY B 223 -15.30 -8.27 12.27
C GLY B 223 -15.83 -8.66 13.63
N ILE B 224 -17.15 -9.00 13.63
CA ILE B 224 -17.81 -9.63 14.78
C ILE B 224 -18.38 -10.94 14.24
N VAL B 225 -18.15 -12.05 14.97
CA VAL B 225 -18.77 -13.33 14.55
C VAL B 225 -20.28 -13.14 14.49
N SER B 226 -20.88 -13.33 13.31
CA SER B 226 -22.30 -13.07 13.10
C SER B 226 -23.10 -14.35 12.82
N TRP B 227 -22.92 -15.01 11.65
CA TRP B 227 -23.83 -16.10 11.33
C TRP B 227 -23.17 -17.03 10.33
N GLY B 228 -23.81 -18.18 10.17
CA GLY B 228 -23.40 -19.14 9.17
C GLY B 228 -24.46 -20.22 9.14
N GLU B 229 -24.31 -21.11 8.18
CA GLU B 229 -25.25 -22.23 8.02
C GLU B 229 -24.59 -23.41 8.70
N GLY B 230 -24.93 -23.66 9.97
CA GLY B 230 -24.20 -24.68 10.72
C GLY B 230 -22.76 -24.19 10.95
N CYS B 231 -21.80 -25.14 11.00
CA CYS B 231 -20.41 -24.79 11.32
C CYS B 231 -19.47 -25.68 10.50
N ASP B 232 -18.48 -25.03 9.85
CA ASP B 232 -17.39 -25.72 9.15
C ASP B 232 -17.91 -26.63 7.99
N ARG B 233 -19.02 -26.27 7.36
CA ARG B 233 -19.48 -27.02 6.20
C ARG B 233 -18.69 -26.66 4.93
N ASP B 234 -18.43 -27.70 4.13
CA ASP B 234 -17.74 -27.53 2.85
C ASP B 234 -18.58 -26.60 1.99
N GLY B 235 -17.92 -25.58 1.42
CA GLY B 235 -18.63 -24.68 0.54
C GLY B 235 -19.45 -23.60 1.23
N LYS B 236 -19.50 -23.62 2.56
CA LYS B 236 -20.10 -22.54 3.31
C LYS B 236 -19.02 -21.72 4.01
N TYR B 237 -19.35 -20.47 4.39
CA TYR B 237 -18.40 -19.60 5.05
C TYR B 237 -19.01 -18.99 6.28
N GLY B 238 -18.17 -18.57 7.23
CA GLY B 238 -18.71 -17.76 8.34
C GLY B 238 -18.86 -16.32 7.88
N PHE B 239 -19.92 -15.67 8.31
CA PHE B 239 -20.22 -14.26 8.03
C PHE B 239 -19.96 -13.44 9.26
N TYR B 240 -19.36 -12.27 9.02
CA TYR B 240 -18.90 -11.42 10.12
C TYR B 240 -19.39 -10.01 9.88
N THR B 241 -19.84 -9.33 10.95
CA THR B 241 -20.28 -7.95 10.84
C THR B 241 -19.06 -7.09 10.55
N HIS B 242 -19.17 -6.22 9.54
CA HIS B 242 -18.02 -5.40 9.11
C HIS B 242 -17.90 -4.19 10.06
N VAL B 243 -16.96 -4.24 11.00
CA VAL B 243 -16.90 -3.20 12.05
C VAL B 243 -16.63 -1.82 11.46
N PHE B 244 -15.70 -1.68 10.52
CA PHE B 244 -15.47 -0.33 10.01
C PHE B 244 -16.73 0.27 9.36
N ARG B 245 -17.51 -0.54 8.63
CA ARG B 245 -18.70 0.04 7.99
C ARG B 245 -19.68 0.56 9.01
N LEU B 246 -19.65 -0.02 10.21
CA LEU B 246 -20.58 0.40 11.25
C LEU B 246 -19.91 1.31 12.27
N LYS B 247 -18.71 1.79 11.97
CA LYS B 247 -17.94 2.48 13.00
C LYS B 247 -18.50 3.87 13.33
N LYS B 248 -19.14 4.53 12.36
CA LYS B 248 -19.83 5.78 12.69
C LYS B 248 -20.88 5.56 13.78
N TRP B 249 -21.65 4.47 13.70
CA TRP B 249 -22.67 4.24 14.73
C TRP B 249 -22.00 3.98 16.08
N ILE B 250 -20.94 3.19 16.09
CA ILE B 250 -20.26 2.92 17.35
C ILE B 250 -19.81 4.23 17.99
N GLN B 251 -19.17 5.08 17.20
CA GLN B 251 -18.67 6.32 17.76
C GLN B 251 -19.80 7.21 18.24
N LYS B 252 -20.91 7.26 17.49
CA LYS B 252 -22.05 8.07 17.91
C LYS B 252 -22.60 7.64 19.28
N VAL B 253 -22.68 6.33 19.51
CA VAL B 253 -23.19 5.83 20.78
C VAL B 253 -22.24 6.17 21.90
N ILE B 254 -20.97 5.90 21.71
CA ILE B 254 -20.01 6.20 22.76
C ILE B 254 -19.90 7.71 23.03
N ASP B 255 -19.94 8.55 21.98
CA ASP B 255 -19.89 10.00 22.23
C ASP B 255 -21.10 10.46 23.05
N GLN B 256 -22.30 9.93 22.73
CA GLN B 256 -23.55 10.40 23.31
C GLN B 256 -23.80 9.85 24.70
N PHE B 257 -23.16 8.74 25.05
CA PHE B 257 -23.48 8.02 26.27
C PHE B 257 -22.29 7.73 27.16
N GLY B 258 -21.07 8.01 26.71
CA GLY B 258 -19.87 7.75 27.47
C GLY B 258 -19.43 8.99 28.23
N SER C 4 24.98 -1.60 25.55
CA SER C 4 23.64 -1.10 25.88
C SER C 4 22.92 -0.59 24.65
N GLY C 5 21.62 -0.89 24.58
CA GLY C 5 20.79 -0.48 23.46
C GLY C 5 20.04 -1.61 22.80
N GLU C 6 20.27 -2.86 23.21
CA GLU C 6 19.78 -4.01 22.44
C GLU C 6 18.27 -4.15 22.54
N ALA C 7 17.71 -4.10 23.76
CA ALA C 7 16.29 -4.37 23.94
C ALA C 7 15.41 -3.46 23.11
N ASP C 8 15.80 -2.22 22.96
CA ASP C 8 15.01 -1.20 22.32
C ASP C 8 15.56 -0.82 20.95
N CYS C 9 16.45 -1.63 20.40
CA CYS C 9 17.03 -1.28 19.10
C CYS C 9 15.93 -1.15 18.03
N GLY C 10 16.21 -0.31 17.04
CA GLY C 10 15.38 -0.31 15.84
C GLY C 10 14.02 0.30 15.98
N LEU C 11 13.76 1.00 17.11
CA LEU C 11 12.48 1.67 17.28
C LEU C 11 12.79 3.14 17.48
N ARG C 12 12.25 3.99 16.58
CA ARG C 12 12.72 5.38 16.58
C ARG C 12 11.88 6.24 17.50
N PRO C 13 12.52 7.06 18.34
CA PRO C 13 11.78 7.96 19.20
C PRO C 13 10.76 8.83 18.49
N LEU C 14 11.06 9.34 17.29
CA LEU C 14 10.18 10.31 16.67
C LEU C 14 9.17 9.63 15.71
N PHE C 15 9.22 8.30 15.57
CA PHE C 15 8.29 7.59 14.69
C PHE C 15 7.60 6.44 15.43
N GLU C 16 8.21 5.26 15.48
CA GLU C 16 7.50 4.13 16.09
C GLU C 16 7.05 4.41 17.54
N LYS C 17 7.91 5.08 18.34
CA LYS C 17 7.57 5.35 19.75
C LYS C 17 6.46 6.38 19.90
N LYS C 18 6.12 7.14 18.86
CA LYS C 18 5.07 8.15 18.90
C LYS C 18 3.90 7.79 18.01
N SER C 19 3.87 6.54 17.50
CA SER C 19 2.84 6.06 16.57
C SER C 19 2.75 6.95 15.35
N LEU C 20 3.91 7.34 14.81
CA LEU C 20 3.97 8.12 13.58
C LEU C 20 4.75 7.34 12.55
N GLU C 21 4.37 7.51 11.29
CA GLU C 21 5.06 6.90 10.16
C GLU C 21 5.84 7.92 9.36
N ASP C 22 6.99 7.49 8.85
CA ASP C 22 7.79 8.43 8.03
C ASP C 22 7.20 8.48 6.60
N LYS C 23 7.71 9.45 5.80
CA LYS C 23 7.12 9.76 4.51
C LYS C 23 7.16 8.61 3.51
N THR C 24 8.11 7.69 3.60
CA THR C 24 8.24 6.61 2.62
C THR C 24 8.25 5.19 3.18
N GLU C 25 8.01 4.97 4.48
CA GLU C 25 8.16 3.61 4.94
C GLU C 25 7.03 2.72 4.42
N ARG C 26 5.92 3.33 4.04
CA ARG C 26 4.82 2.53 3.50
C ARG C 26 5.33 1.79 2.26
N GLU C 27 6.18 2.42 1.49
CA GLU C 27 6.66 1.79 0.25
C GLU C 27 7.47 0.53 0.59
N LEU C 28 8.20 0.54 1.70
CA LEU C 28 8.94 -0.65 2.11
C LEU C 28 7.97 -1.75 2.52
N LEU C 29 7.00 -1.43 3.38
CA LEU C 29 6.08 -2.47 3.84
C LEU C 29 5.27 -3.03 2.67
N GLU C 30 4.86 -2.16 1.73
CA GLU C 30 4.13 -2.68 0.57
C GLU C 30 4.95 -3.62 -0.30
N SER C 31 6.28 -3.51 -0.30
CA SER C 31 7.07 -4.43 -1.12
C SER C 31 6.95 -5.87 -0.61
N TYR C 32 6.59 -6.07 0.66
CA TYR C 32 6.39 -7.42 1.17
C TYR C 32 5.00 -7.94 0.83
N ILE C 33 4.00 -7.06 0.77
CA ILE C 33 2.60 -7.48 0.91
C ILE C 33 1.80 -7.26 -0.32
N ASP C 34 2.40 -6.77 -1.36
CA ASP C 34 1.54 -6.30 -2.43
C ASP C 34 1.23 -7.42 -3.39
N GLY C 35 1.70 -8.63 -3.09
CA GLY C 35 1.31 -9.80 -3.85
C GLY C 35 1.88 -9.85 -5.25
N ARG C 36 2.98 -9.12 -5.47
CA ARG C 36 3.59 -9.01 -6.79
C ARG C 36 4.36 -10.26 -7.19
N ILE D 1 23.87 9.98 -2.21
CA ILE D 1 22.69 9.20 -2.71
C ILE D 1 22.22 9.84 -3.95
N VAL D 2 22.08 9.03 -5.02
CA VAL D 2 21.55 9.46 -6.32
C VAL D 2 20.06 9.20 -6.35
N GLU D 3 19.30 10.21 -6.76
CA GLU D 3 17.85 10.08 -7.00
C GLU D 3 17.07 9.79 -5.73
N GLY D 4 17.54 10.27 -4.59
CA GLY D 4 16.78 10.15 -3.35
C GLY D 4 16.13 11.47 -2.97
N SER D 5 15.82 11.61 -1.69
CA SER D 5 15.19 12.85 -1.24
C SER D 5 15.72 13.18 0.14
N ASP D 6 15.31 14.32 0.65
CA ASP D 6 15.78 14.70 1.97
C ASP D 6 15.17 13.79 3.06
N ALA D 7 15.99 13.31 3.97
CA ALA D 7 15.47 12.59 5.13
C ALA D 7 14.69 13.52 6.04
N GLU D 8 13.69 12.97 6.72
CA GLU D 8 13.04 13.66 7.82
C GLU D 8 13.91 13.65 9.06
N ILE D 9 13.69 14.64 9.92
CA ILE D 9 14.37 14.65 11.22
C ILE D 9 14.06 13.39 12.01
N GLY D 10 15.10 12.73 12.49
CA GLY D 10 14.92 11.56 13.33
C GLY D 10 14.58 10.32 12.54
N MET D 11 14.58 10.40 11.22
CA MET D 11 14.14 9.22 10.39
C MET D 11 15.16 8.06 10.42
N SER D 12 16.44 8.37 10.65
N SER D 12 16.44 8.37 10.59
CA SER D 12 17.51 7.38 10.61
CA SER D 12 17.50 7.36 10.65
C SER D 12 18.44 7.64 11.79
C SER D 12 18.40 7.74 11.80
N PRO D 13 17.97 7.47 13.04
CA PRO D 13 18.76 7.95 14.19
C PRO D 13 19.99 7.12 14.46
N TRP D 14 20.18 6.00 13.77
CA TRP D 14 21.42 5.23 13.85
C TRP D 14 22.41 5.69 12.79
N GLN D 15 22.07 6.66 11.94
CA GLN D 15 23.05 7.05 10.92
C GLN D 15 24.23 7.81 11.53
N VAL D 16 25.45 7.40 11.14
CA VAL D 16 26.67 8.02 11.65
C VAL D 16 27.43 8.59 10.48
N MET D 17 28.05 9.76 10.70
CA MET D 17 28.96 10.37 9.71
C MET D 17 30.39 10.13 10.18
N LEU D 18 31.22 9.47 9.36
N LEU D 18 31.21 9.50 9.33
CA LEU D 18 32.66 9.33 9.69
CA LEU D 18 32.66 9.41 9.58
C LEU D 18 33.39 10.52 9.08
C LEU D 18 33.32 10.65 9.07
N PHE D 19 34.14 11.27 9.93
CA PHE D 19 34.67 12.57 9.57
C PHE D 19 36.17 12.55 9.83
N ARG D 20 36.96 12.95 8.83
CA ARG D 20 38.40 12.94 9.02
C ARG D 20 38.78 14.12 9.87
N LYS D 21 39.76 13.90 10.76
CA LYS D 21 40.22 15.02 11.59
C LYS D 21 41.07 16.01 10.80
N SER D 22 42.00 15.52 9.91
CA SER D 22 42.98 16.39 9.29
C SER D 22 43.30 15.85 7.90
N PRO D 23 42.92 16.55 6.84
CA PRO D 23 42.09 17.74 6.84
C PRO D 23 40.64 17.31 7.18
N GLN D 24 39.79 18.27 7.53
CA GLN D 24 38.43 17.98 7.91
C GLN D 24 37.63 17.71 6.64
N GLU D 25 37.07 16.50 6.57
CA GLU D 25 36.30 16.13 5.38
C GLU D 25 35.34 15.03 5.74
N LEU D 26 34.22 14.98 5.01
CA LEU D 26 33.33 13.83 5.12
C LEU D 26 34.01 12.64 4.48
N LEU D 27 34.13 11.52 5.19
CA LEU D 27 34.69 10.28 4.64
C LEU D 27 33.62 9.30 4.19
N CYS D 28 32.68 8.97 5.06
CA CYS D 28 31.88 7.76 4.83
C CYS D 28 30.70 7.86 5.77
N GLY D 29 29.73 6.96 5.50
CA GLY D 29 28.70 6.70 6.49
C GLY D 29 29.12 5.57 7.44
N ALA D 30 28.25 5.33 8.42
CA ALA D 30 28.41 4.25 9.39
C ALA D 30 27.07 4.14 10.12
N SER D 31 26.99 3.17 11.04
N SER D 31 27.03 3.22 11.09
CA SER D 31 25.73 2.99 11.75
CA SER D 31 25.79 2.92 11.79
C SER D 31 25.99 2.63 13.21
C SER D 31 26.07 2.75 13.28
N LEU D 32 25.09 3.13 14.09
CA LEU D 32 25.17 2.94 15.52
C LEU D 32 24.45 1.64 15.91
N ILE D 33 25.17 0.67 16.48
CA ILE D 33 24.55 -0.62 16.82
C ILE D 33 24.46 -0.78 18.35
N SER D 34 25.13 0.08 19.16
CA SER D 34 24.94 0.13 20.60
C SER D 34 25.49 1.47 21.07
N ASP D 35 25.56 1.68 22.39
CA ASP D 35 26.05 2.99 22.77
C ASP D 35 27.56 3.14 22.63
N ARG D 36 28.30 2.08 22.30
CA ARG D 36 29.76 2.16 22.21
C ARG D 36 30.28 1.61 20.90
N TRP D 37 29.44 1.06 20.04
CA TRP D 37 29.91 0.37 18.82
C TRP D 37 29.24 0.91 17.59
N VAL D 38 30.07 1.16 16.59
CA VAL D 38 29.62 1.68 15.30
C VAL D 38 30.15 0.76 14.20
N LEU D 39 29.28 0.44 13.26
CA LEU D 39 29.61 -0.46 12.15
C LEU D 39 29.79 0.33 10.85
N THR D 40 30.82 -0.01 10.05
CA THR D 40 31.05 0.71 8.78
C THR D 40 31.70 -0.28 7.83
N ALA D 41 32.04 0.23 6.64
CA ALA D 41 32.72 -0.58 5.65
C ALA D 41 34.22 -0.53 5.89
N ALA D 42 34.88 -1.68 5.74
CA ALA D 42 36.36 -1.67 5.97
C ALA D 42 37.07 -0.73 4.99
N HIS D 43 36.58 -0.59 3.76
CA HIS D 43 37.32 0.25 2.81
C HIS D 43 37.24 1.76 3.18
N CYS D 44 36.35 2.14 4.08
CA CYS D 44 36.33 3.51 4.58
C CYS D 44 37.50 3.74 5.50
N LEU D 45 38.13 2.68 6.02
CA LEU D 45 39.24 2.80 6.96
C LEU D 45 40.54 2.27 6.42
N LEU D 46 40.51 1.33 5.47
CA LEU D 46 41.72 0.62 5.05
C LEU D 46 41.61 0.35 3.58
N TYR D 47 42.42 1.03 2.76
CA TYR D 47 42.40 0.79 1.33
C TYR D 47 43.82 1.02 0.83
N PRO D 48 44.64 -0.03 0.90
CA PRO D 48 46.08 0.11 0.57
C PRO D 48 46.35 0.71 -0.79
N PRO D 49 45.54 0.46 -1.85
CA PRO D 49 45.92 1.04 -3.16
C PRO D 49 45.94 2.56 -3.16
N TRP D 50 45.26 3.21 -2.21
CA TRP D 50 45.30 4.66 -2.11
C TRP D 50 46.07 5.13 -0.86
N ASP D 51 46.87 4.26 -0.25
CA ASP D 51 47.62 4.64 0.98
C ASP D 51 46.67 5.11 2.09
N LYS D 52 45.55 4.41 2.25
N LYS D 52 45.53 4.44 2.23
CA LYS D 52 44.58 4.75 3.29
CA LYS D 52 44.58 4.74 3.28
C LYS D 52 44.66 3.68 4.38
C LYS D 52 44.74 3.67 4.36
N ASN D 53 44.97 4.10 5.60
CA ASN D 53 45.07 3.16 6.71
C ASN D 53 44.89 3.92 8.01
N PHE D 54 43.68 4.31 8.31
CA PHE D 54 43.42 5.19 9.44
C PHE D 54 43.69 4.59 10.80
N THR D 55 44.31 5.39 11.70
CA THR D 55 44.37 4.95 13.09
C THR D 55 43.18 5.55 13.84
N GLU D 56 42.99 5.09 15.07
N GLU D 56 43.00 5.09 15.07
CA GLU D 56 41.82 5.55 15.81
CA GLU D 56 41.85 5.55 15.83
C GLU D 56 41.86 7.06 16.04
C GLU D 56 41.86 7.07 16.00
N ASN D 57 43.05 7.66 16.09
CA ASN D 57 43.16 9.08 16.36
C ASN D 57 42.89 9.93 15.13
N ASP D 58 42.69 9.31 13.97
CA ASP D 58 42.60 10.10 12.76
C ASP D 58 41.18 10.54 12.46
N LEU D 59 40.20 10.03 13.18
CA LEU D 59 38.81 10.02 12.76
C LEU D 59 37.90 10.43 13.90
N LEU D 60 36.75 10.97 13.52
CA LEU D 60 35.72 11.24 14.51
C LEU D 60 34.41 10.72 13.95
N VAL D 61 33.51 10.37 14.84
CA VAL D 61 32.16 9.96 14.44
C VAL D 61 31.16 11.01 14.87
N ARG D 62 30.29 11.43 13.95
CA ARG D 62 29.32 12.47 14.26
C ARG D 62 27.92 11.87 14.17
N ILE D 63 27.26 11.82 15.31
CA ILE D 63 25.98 11.07 15.41
C ILE D 63 24.85 12.05 15.72
N GLY D 64 23.65 11.72 15.23
CA GLY D 64 22.49 12.60 15.41
C GLY D 64 22.31 13.66 14.36
N LYS D 65 23.09 13.62 13.29
CA LYS D 65 23.11 14.74 12.33
C LYS D 65 21.99 14.66 11.31
N HIS D 66 21.68 15.85 10.78
CA HIS D 66 20.75 16.03 9.64
C HIS D 66 21.44 16.87 8.59
N SER D 67 21.80 18.10 8.91
CA SER D 67 22.61 18.90 7.99
C SER D 67 23.98 18.26 7.75
N ARG D 68 24.46 18.30 6.51
CA ARG D 68 25.80 17.77 6.23
C ARG D 68 26.90 18.62 6.89
N THR D 69 26.72 19.93 6.94
CA THR D 69 27.78 20.92 7.29
C THR D 69 27.61 21.62 8.61
N ARG D 70 26.40 21.91 9.02
CA ARG D 70 26.26 22.72 10.23
C ARG D 70 26.48 21.87 11.49
N TYR D 71 27.21 22.43 12.47
CA TYR D 71 27.24 21.79 13.77
C TYR D 71 25.87 21.97 14.42
N GLU D 72 25.21 20.86 14.79
CA GLU D 72 23.82 20.91 15.20
C GLU D 72 23.79 20.91 16.73
N ARG D 73 23.79 22.13 17.33
CA ARG D 73 23.84 22.25 18.80
C ARG D 73 22.76 21.45 19.51
N ASN D 74 23.16 20.76 20.59
CA ASN D 74 22.16 20.01 21.39
C ASN D 74 21.39 18.92 20.61
N ILE D 75 21.97 18.46 19.49
CA ILE D 75 21.39 17.45 18.65
C ILE D 75 22.52 16.50 18.30
N GLU D 76 23.53 16.98 17.55
CA GLU D 76 24.62 16.07 17.20
C GLU D 76 25.60 15.88 18.34
N LYS D 77 26.14 14.67 18.39
CA LYS D 77 27.19 14.30 19.35
C LYS D 77 28.38 13.77 18.58
N ILE D 78 29.57 14.20 18.99
CA ILE D 78 30.79 13.81 18.31
C ILE D 78 31.59 12.94 19.26
N SER D 79 32.00 11.77 18.80
CA SER D 79 32.78 10.82 19.60
C SER D 79 34.13 10.54 18.96
N MET D 80 35.15 10.36 19.79
CA MET D 80 36.44 9.81 19.41
C MET D 80 36.43 8.30 19.45
N LEU D 81 37.37 7.69 18.76
CA LEU D 81 37.45 6.22 18.67
C LEU D 81 38.47 5.68 19.68
N GLU D 82 38.08 4.58 20.32
CA GLU D 82 39.02 3.80 21.11
C GLU D 82 39.82 2.80 20.25
N LYS D 83 39.15 2.13 19.30
CA LYS D 83 39.82 1.05 18.60
C LYS D 83 39.03 0.77 17.33
N ILE D 84 39.75 0.47 16.25
CA ILE D 84 39.19 0.02 14.98
C ILE D 84 39.48 -1.47 14.84
N TYR D 85 38.47 -2.23 14.38
CA TYR D 85 38.63 -3.67 14.08
C TYR D 85 38.18 -3.96 12.64
N ILE D 86 39.10 -4.40 11.82
CA ILE D 86 38.79 -4.69 10.41
C ILE D 86 38.63 -6.21 10.31
N HIS D 87 37.66 -6.71 9.52
CA HIS D 87 37.56 -8.15 9.34
C HIS D 87 38.88 -8.71 8.83
N PRO D 88 39.42 -9.75 9.45
CA PRO D 88 40.75 -10.24 9.05
C PRO D 88 40.78 -10.80 7.66
N ARG D 89 39.63 -11.13 7.09
CA ARG D 89 39.58 -11.69 5.75
C ARG D 89 39.02 -10.70 4.76
N TYR D 90 38.98 -9.42 5.14
CA TYR D 90 38.64 -8.38 4.17
C TYR D 90 39.55 -8.49 2.95
N ASN D 91 38.95 -8.45 1.74
CA ASN D 91 39.63 -8.69 0.48
C ASN D 91 39.52 -7.46 -0.43
N TRP D 92 40.34 -6.43 -0.17
CA TRP D 92 40.30 -5.23 -0.99
C TRP D 92 40.89 -5.46 -2.39
N ARG D 93 41.74 -6.49 -2.62
CA ARG D 93 42.44 -6.55 -3.88
C ARG D 93 41.54 -7.09 -4.98
N GLU D 94 40.65 -8.01 -4.64
CA GLU D 94 39.90 -8.71 -5.68
C GLU D 94 38.51 -8.16 -5.87
N ASN D 95 37.77 -7.98 -4.79
CA ASN D 95 36.32 -7.76 -4.92
C ASN D 95 35.65 -7.14 -3.70
N LEU D 96 36.43 -6.60 -2.75
CA LEU D 96 35.86 -6.03 -1.53
C LEU D 96 35.00 -7.04 -0.77
N ASP D 97 35.37 -8.31 -0.84
CA ASP D 97 34.73 -9.30 0.01
C ASP D 97 34.96 -8.97 1.47
N ARG D 98 33.90 -9.17 2.27
CA ARG D 98 33.95 -8.95 3.71
C ARG D 98 34.33 -7.50 4.02
N ASP D 99 33.66 -6.58 3.34
CA ASP D 99 33.91 -5.12 3.51
C ASP D 99 33.18 -4.64 4.76
N ILE D 100 33.79 -4.91 5.93
CA ILE D 100 33.15 -4.65 7.20
C ILE D 100 34.24 -4.29 8.23
N ALA D 101 33.87 -3.35 9.10
CA ALA D 101 34.71 -2.99 10.22
C ALA D 101 33.83 -2.50 11.39
N LEU D 102 34.39 -2.63 12.59
CA LEU D 102 33.74 -2.11 13.78
C LEU D 102 34.62 -1.04 14.37
N MET D 103 34.00 -0.03 14.97
CA MET D 103 34.72 1.01 15.72
C MET D 103 34.13 1.08 17.12
N LYS D 104 34.99 0.95 18.12
CA LYS D 104 34.54 1.14 19.49
C LYS D 104 34.77 2.59 19.87
N LEU D 105 33.77 3.22 20.45
CA LEU D 105 33.91 4.62 20.89
C LEU D 105 34.58 4.72 22.23
N LYS D 106 35.36 5.81 22.40
CA LYS D 106 36.04 6.00 23.67
C LYS D 106 35.05 6.13 24.84
N LYS D 107 33.92 6.77 24.60
CA LYS D 107 32.91 6.90 25.64
C LYS D 107 31.56 6.52 25.03
N PRO D 108 30.62 6.12 25.85
CA PRO D 108 29.29 5.89 25.30
C PRO D 108 28.64 7.17 24.77
N VAL D 109 27.80 7.03 23.71
CA VAL D 109 27.05 8.18 23.22
C VAL D 109 25.70 8.17 23.93
N ALA D 110 25.19 9.35 24.26
CA ALA D 110 23.86 9.47 24.85
C ALA D 110 22.74 9.32 23.81
N PHE D 111 21.79 8.44 24.08
CA PHE D 111 20.66 8.32 23.17
C PHE D 111 19.70 9.48 23.35
N SER D 112 18.92 9.76 22.31
CA SER D 112 18.03 10.93 22.31
C SER D 112 17.00 10.69 21.23
N ASP D 113 16.16 11.70 20.95
CA ASP D 113 15.25 11.59 19.80
C ASP D 113 16.00 11.43 18.48
N TYR D 114 17.27 11.88 18.43
CA TYR D 114 18.04 11.88 17.18
C TYR D 114 19.08 10.79 17.11
N ILE D 115 19.29 10.03 18.18
CA ILE D 115 20.41 9.08 18.31
C ILE D 115 19.84 7.79 18.92
N HIS D 116 19.84 6.69 18.14
CA HIS D 116 19.30 5.46 18.71
C HIS D 116 19.82 4.33 17.86
N PRO D 117 20.16 3.18 18.43
CA PRO D 117 20.78 2.10 17.64
C PRO D 117 19.77 1.35 16.78
N VAL D 118 20.30 0.83 15.66
CA VAL D 118 19.54 -0.08 14.81
C VAL D 118 19.77 -1.52 15.27
N CYS D 119 18.84 -2.43 14.93
CA CYS D 119 19.01 -3.84 15.27
C CYS D 119 19.85 -4.56 14.24
N LEU D 120 20.53 -5.59 14.71
CA LEU D 120 21.16 -6.51 13.75
C LEU D 120 20.27 -7.73 13.58
N PRO D 121 20.18 -8.30 12.38
CA PRO D 121 19.21 -9.36 12.16
C PRO D 121 19.65 -10.69 12.81
N ASP D 122 18.68 -11.49 13.22
CA ASP D 122 18.98 -12.90 13.48
C ASP D 122 18.65 -13.73 12.22
N ARG D 123 18.87 -15.04 12.31
CA ARG D 123 18.75 -15.87 11.10
C ARG D 123 17.33 -15.81 10.52
N GLU D 124 16.33 -15.90 11.39
CA GLU D 124 14.95 -15.90 10.92
C GLU D 124 14.55 -14.57 10.30
N THR D 125 15.01 -13.42 10.87
CA THR D 125 14.66 -12.16 10.23
C THR D 125 15.37 -11.98 8.90
N ALA D 126 16.63 -12.38 8.83
CA ALA D 126 17.35 -12.21 7.57
C ALA D 126 16.76 -13.12 6.49
N ALA D 127 16.45 -14.35 6.84
CA ALA D 127 15.75 -15.27 5.92
C ALA D 127 14.43 -14.66 5.44
N SER D 128 13.64 -14.09 6.35
CA SER D 128 12.34 -13.53 6.02
C SER D 128 12.41 -12.29 5.18
N LEU D 129 13.42 -11.43 5.39
CA LEU D 129 13.36 -10.10 4.78
C LEU D 129 14.30 -9.95 3.61
N LEU D 130 15.40 -10.65 3.58
N LEU D 130 15.38 -10.73 3.58
CA LEU D 130 16.40 -10.27 2.59
CA LEU D 130 16.42 -10.54 2.56
C LEU D 130 16.16 -11.14 1.34
C LEU D 130 16.02 -11.34 1.34
N GLN D 131 15.09 -10.77 0.57
CA GLN D 131 14.57 -11.47 -0.61
C GLN D 131 14.40 -10.52 -1.80
N ALA D 132 14.70 -11.04 -2.99
CA ALA D 132 14.63 -10.16 -4.17
C ALA D 132 13.25 -9.57 -4.34
N GLY D 133 13.22 -8.27 -4.63
CA GLY D 133 12.00 -7.52 -4.82
C GLY D 133 11.54 -6.83 -3.57
N TYR D 134 11.94 -7.32 -2.39
CA TYR D 134 11.65 -6.54 -1.20
C TYR D 134 12.57 -5.32 -1.15
N LYS D 135 12.06 -4.21 -0.64
CA LYS D 135 12.83 -2.98 -0.61
C LYS D 135 13.43 -2.75 0.75
N GLY D 136 14.65 -2.22 0.73
CA GLY D 136 15.30 -1.66 1.90
C GLY D 136 15.64 -0.19 1.64
N ARG D 137 16.28 0.43 2.61
CA ARG D 137 16.46 1.89 2.57
C ARG D 137 17.95 2.19 2.81
N VAL D 138 18.49 3.09 2.00
CA VAL D 138 19.89 3.52 2.16
C VAL D 138 19.85 5.01 2.45
N THR D 139 20.76 5.45 3.30
CA THR D 139 20.78 6.86 3.76
C THR D 139 22.23 7.32 3.75
N GLY D 140 22.46 8.61 3.49
CA GLY D 140 23.82 9.12 3.56
C GLY D 140 23.94 10.56 3.07
N TRP D 141 25.14 11.10 3.26
CA TRP D 141 25.52 12.45 2.80
C TRP D 141 26.48 12.43 1.59
N GLY D 142 26.48 11.28 0.88
CA GLY D 142 27.34 11.06 -0.26
C GLY D 142 26.83 11.89 -1.44
N ASN D 143 27.61 11.88 -2.48
CA ASN D 143 27.35 12.75 -3.63
C ASN D 143 26.03 12.39 -4.30
N LEU D 144 25.47 13.42 -4.97
CA LEU D 144 24.15 13.31 -5.61
C LEU D 144 24.24 12.74 -7.03
N LYS D 145 25.44 12.63 -7.58
CA LYS D 145 25.63 12.08 -8.91
C LYS D 145 27.05 11.54 -9.02
N GLU D 146 27.21 10.60 -9.94
CA GLU D 146 28.51 10.03 -10.18
C GLU D 146 29.45 11.14 -10.64
N THR D 147 30.71 11.06 -10.28
CA THR D 147 31.56 12.24 -10.53
C THR D 147 32.20 12.15 -11.93
N GLY D 155 28.20 18.41 -6.27
CA GLY D 155 27.13 17.44 -6.08
C GLY D 155 26.89 17.01 -4.64
N GLN D 156 27.01 17.93 -3.68
CA GLN D 156 26.88 17.52 -2.29
C GLN D 156 25.50 17.94 -1.77
N PRO D 157 24.81 17.11 -0.99
CA PRO D 157 23.51 17.49 -0.45
C PRO D 157 23.65 18.38 0.76
N SER D 158 22.64 19.22 0.97
N SER D 158 22.64 19.22 0.96
CA SER D 158 22.60 20.06 2.16
CA SER D 158 22.56 20.06 2.15
C SER D 158 22.19 19.28 3.40
C SER D 158 22.24 19.23 3.38
N VAL D 159 21.33 18.24 3.27
CA VAL D 159 20.94 17.42 4.41
C VAL D 159 20.98 15.94 4.01
N LEU D 160 20.92 15.09 5.02
CA LEU D 160 20.96 13.64 4.83
C LEU D 160 19.93 13.21 3.81
N GLN D 161 20.34 12.31 2.88
CA GLN D 161 19.43 11.83 1.83
C GLN D 161 19.02 10.41 2.12
N VAL D 162 17.89 10.03 1.53
CA VAL D 162 17.29 8.69 1.69
C VAL D 162 16.84 8.20 0.31
N VAL D 163 17.02 6.91 0.06
CA VAL D 163 16.33 6.26 -1.07
C VAL D 163 15.99 4.84 -0.67
N ASN D 164 14.86 4.36 -1.20
CA ASN D 164 14.44 2.97 -1.00
C ASN D 164 14.72 2.21 -2.27
N LEU D 165 15.30 1.02 -2.13
CA LEU D 165 15.78 0.24 -3.29
C LEU D 165 15.46 -1.23 -3.10
N PRO D 166 15.08 -1.90 -4.17
CA PRO D 166 14.76 -3.36 -4.05
C PRO D 166 16.03 -4.23 -4.10
N ILE D 167 15.99 -5.32 -3.32
CA ILE D 167 17.01 -6.34 -3.48
C ILE D 167 16.85 -7.04 -4.81
N VAL D 168 17.95 -7.42 -5.42
CA VAL D 168 18.02 -8.00 -6.73
C VAL D 168 18.42 -9.48 -6.65
N GLU D 169 17.85 -10.27 -7.54
CA GLU D 169 18.19 -11.69 -7.62
C GLU D 169 19.69 -11.94 -7.78
N ARG D 170 20.17 -12.99 -7.14
CA ARG D 170 21.62 -13.21 -7.18
C ARG D 170 22.18 -13.46 -8.61
N PRO D 171 21.53 -14.25 -9.49
CA PRO D 171 22.07 -14.38 -10.87
C PRO D 171 22.11 -13.05 -11.61
N VAL D 172 21.15 -12.16 -11.37
CA VAL D 172 21.13 -10.85 -11.98
C VAL D 172 22.32 -10.01 -11.50
N CYS D 173 22.57 -10.01 -10.19
CA CYS D 173 23.76 -9.34 -9.66
C CYS D 173 25.02 -9.93 -10.31
N LYS D 174 25.12 -11.25 -10.38
CA LYS D 174 26.34 -11.85 -10.95
C LYS D 174 26.52 -11.45 -12.41
N ASP D 175 25.43 -11.45 -13.20
CA ASP D 175 25.52 -11.16 -14.64
C ASP D 175 25.82 -9.68 -14.89
N SER D 176 25.68 -8.82 -13.88
CA SER D 176 25.82 -7.38 -14.03
C SER D 176 27.28 -6.95 -13.98
N THR D 177 28.19 -7.85 -13.61
CA THR D 177 29.58 -7.39 -13.41
C THR D 177 30.51 -8.53 -13.78
N ARG D 178 31.74 -8.18 -14.21
CA ARG D 178 32.75 -9.21 -14.41
C ARG D 178 33.49 -9.60 -13.11
N ILE D 179 33.27 -8.88 -12.02
CA ILE D 179 33.95 -9.11 -10.75
C ILE D 179 33.35 -10.32 -10.06
N ARG D 180 34.21 -11.11 -9.39
CA ARG D 180 33.71 -12.31 -8.73
C ARG D 180 32.96 -11.91 -7.47
N ILE D 181 31.65 -12.05 -7.47
CA ILE D 181 30.88 -11.69 -6.28
C ILE D 181 30.83 -12.90 -5.33
N THR D 182 30.52 -12.62 -4.07
CA THR D 182 30.58 -13.68 -3.05
C THR D 182 29.24 -13.74 -2.28
N ASP D 183 29.11 -14.82 -1.51
CA ASP D 183 27.90 -14.93 -0.70
C ASP D 183 27.86 -13.92 0.43
N ASN D 184 28.98 -13.21 0.70
CA ASN D 184 29.01 -12.19 1.72
C ASN D 184 28.56 -10.81 1.20
N MET D 185 28.03 -10.76 -0.01
CA MET D 185 27.49 -9.53 -0.60
C MET D 185 26.10 -9.82 -1.14
N PHE D 186 25.31 -8.78 -1.16
CA PHE D 186 24.07 -8.77 -1.98
C PHE D 186 24.01 -7.50 -2.80
N CYS D 187 23.15 -7.46 -3.81
CA CYS D 187 23.05 -6.25 -4.57
C CYS D 187 21.61 -5.75 -4.55
N ALA D 188 21.45 -4.45 -4.80
CA ALA D 188 20.15 -3.80 -4.74
C ALA D 188 20.12 -2.68 -5.77
N GLY D 189 18.93 -2.34 -6.19
CA GLY D 189 18.73 -1.25 -7.15
C GLY D 189 17.68 -1.65 -8.18
N TYR D 190 17.19 -0.70 -8.95
CA TYR D 190 16.20 -1.01 -9.99
C TYR D 190 16.88 -1.49 -11.29
N LYS D 191 16.19 -2.37 -11.99
CA LYS D 191 16.65 -2.78 -13.28
C LYS D 191 16.27 -1.72 -14.31
N PRO D 192 16.96 -1.69 -15.44
CA PRO D 192 16.60 -0.71 -16.48
C PRO D 192 15.11 -0.76 -16.86
N ASP D 193 14.54 -1.95 -17.00
CA ASP D 193 13.16 -2.00 -17.45
C ASP D 193 12.15 -1.55 -16.39
N GLU D 194 12.57 -1.38 -15.16
CA GLU D 194 11.66 -0.92 -14.11
C GLU D 194 11.50 0.59 -14.15
N GLY D 195 12.37 1.28 -14.87
CA GLY D 195 12.22 2.72 -15.03
C GLY D 195 12.68 3.56 -13.82
N LYS D 196 12.47 3.12 -12.60
CA LYS D 196 12.85 3.90 -11.41
C LYS D 196 14.36 3.90 -11.25
N ARG D 197 14.87 4.87 -10.50
CA ARG D 197 16.32 5.04 -10.37
C ARG D 197 16.68 5.18 -8.91
N GLY D 198 17.97 5.14 -8.66
CA GLY D 198 18.44 5.32 -7.29
C GLY D 198 19.61 4.47 -6.95
N ASP D 199 20.59 5.05 -6.23
CA ASP D 199 21.73 4.27 -5.81
C ASP D 199 22.42 5.05 -4.67
N ALA D 200 23.29 4.35 -3.96
CA ALA D 200 24.29 5.05 -3.11
C ALA D 200 25.39 5.60 -4.03
N CYS D 201 26.22 6.53 -3.51
CA CYS D 201 27.29 7.08 -4.28
C CYS D 201 28.48 7.36 -3.38
N GLU D 202 29.47 8.11 -3.91
CA GLU D 202 30.71 8.37 -3.16
C GLU D 202 30.40 9.05 -1.83
N GLY D 203 30.95 8.51 -0.75
CA GLY D 203 30.71 9.09 0.56
C GLY D 203 29.53 8.45 1.28
N ASP D 204 28.70 7.66 0.59
CA ASP D 204 27.67 6.91 1.29
C ASP D 204 28.17 5.58 1.78
N SER D 205 29.34 5.15 1.29
CA SER D 205 29.91 3.86 1.72
C SER D 205 29.98 3.77 3.23
N GLY D 206 29.79 2.55 3.72
CA GLY D 206 29.78 2.33 5.16
C GLY D 206 28.45 2.55 5.83
N GLY D 207 27.56 3.26 5.18
CA GLY D 207 26.26 3.50 5.79
C GLY D 207 25.38 2.26 5.68
N PRO D 208 24.23 2.31 6.34
CA PRO D 208 23.37 1.11 6.48
C PRO D 208 22.32 1.00 5.41
N PHE D 209 22.14 -0.25 4.96
CA PHE D 209 20.93 -0.66 4.22
C PHE D 209 20.03 -1.34 5.24
N VAL D 210 18.90 -0.70 5.49
CA VAL D 210 18.00 -1.10 6.58
C VAL D 210 16.70 -1.60 5.97
N MET D 211 16.03 -2.47 6.74
CA MET D 211 14.72 -2.98 6.36
C MET D 211 13.82 -2.90 7.56
N LYS D 212 12.53 -2.52 7.38
CA LYS D 212 11.61 -2.53 8.53
C LYS D 212 10.85 -3.86 8.52
N SER D 213 10.83 -4.54 9.69
CA SER D 213 10.19 -5.83 9.74
C SER D 213 8.68 -5.64 9.83
N PRO D 214 7.86 -6.33 9.02
CA PRO D 214 6.40 -6.27 9.18
C PRO D 214 5.95 -7.16 10.36
N PHE D 215 6.86 -8.00 10.89
CA PHE D 215 6.52 -8.91 11.99
C PHE D 215 6.60 -8.26 13.36
N ASN D 216 7.61 -7.40 13.58
CA ASN D 216 7.71 -6.78 14.88
C ASN D 216 7.99 -5.27 14.78
N ASN D 217 7.96 -4.70 13.58
CA ASN D 217 8.04 -3.25 13.30
C ASN D 217 9.35 -2.61 13.78
N ARG D 218 10.36 -3.40 13.87
CA ARG D 218 11.71 -2.86 14.14
C ARG D 218 12.48 -2.74 12.87
N TRP D 219 13.46 -1.82 12.90
CA TRP D 219 14.38 -1.64 11.78
C TRP D 219 15.61 -2.49 12.00
N TYR D 220 16.03 -3.22 10.96
CA TYR D 220 17.20 -4.09 11.02
C TYR D 220 18.17 -3.69 9.93
N GLN D 221 19.45 -3.66 10.31
CA GLN D 221 20.51 -3.39 9.31
C GLN D 221 20.87 -4.71 8.61
N MET D 222 20.49 -4.81 7.33
CA MET D 222 20.81 -6.00 6.56
C MET D 222 22.09 -5.88 5.77
N GLY D 223 22.46 -4.64 5.43
CA GLY D 223 23.67 -4.50 4.61
C GLY D 223 24.45 -3.24 5.00
N ILE D 224 25.66 -3.17 4.43
CA ILE D 224 26.56 -2.02 4.57
C ILE D 224 26.80 -1.59 3.11
N VAL D 225 26.68 -0.28 2.82
CA VAL D 225 27.01 0.20 1.47
C VAL D 225 28.49 -0.14 1.23
N SER D 226 28.78 -0.94 0.16
CA SER D 226 30.13 -1.44 -0.08
C SER D 226 30.68 -0.91 -1.40
N TRP D 227 30.20 -1.31 -2.58
CA TRP D 227 30.89 -0.90 -3.81
C TRP D 227 29.90 -0.90 -4.97
N GLY D 228 30.33 -0.28 -6.07
CA GLY D 228 29.55 -0.24 -7.29
C GLY D 228 30.45 0.32 -8.38
N GLU D 229 30.03 0.13 -9.62
CA GLU D 229 30.75 0.67 -10.76
C GLU D 229 30.11 2.00 -11.08
N GLY D 230 30.69 3.07 -10.54
CA GLY D 230 30.06 4.39 -10.60
C GLY D 230 28.79 4.43 -9.77
N CYS D 231 27.82 5.25 -10.18
CA CYS D 231 26.61 5.39 -9.36
C CYS D 231 25.42 5.51 -10.29
N ASP D 232 24.37 4.67 -10.04
CA ASP D 232 23.09 4.78 -10.71
C ASP D 232 23.19 4.53 -12.21
N ARG D 233 24.14 3.68 -12.65
CA ARG D 233 24.23 3.34 -14.07
C ARG D 233 23.18 2.29 -14.44
N ASP D 234 22.64 2.41 -15.63
CA ASP D 234 21.72 1.37 -16.10
C ASP D 234 22.42 0.01 -16.17
N GLY D 235 21.77 -1.04 -15.60
CA GLY D 235 22.39 -2.35 -15.75
C GLY D 235 23.42 -2.64 -14.68
N LYS D 236 23.69 -1.68 -13.82
CA LYS D 236 24.59 -1.90 -12.68
C LYS D 236 23.78 -1.78 -11.42
N TYR D 237 24.31 -2.37 -10.32
CA TYR D 237 23.63 -2.39 -9.03
C TYR D 237 24.61 -2.00 -7.94
N GLY D 238 24.07 -1.52 -6.85
CA GLY D 238 24.94 -1.29 -5.64
C GLY D 238 25.16 -2.62 -4.93
N PHE D 239 26.40 -2.89 -4.53
CA PHE D 239 26.73 -4.04 -3.71
C PHE D 239 26.84 -3.67 -2.25
N TYR D 240 26.38 -4.57 -1.40
CA TYR D 240 26.23 -4.34 0.03
C TYR D 240 26.83 -5.49 0.79
N THR D 241 27.58 -5.22 1.85
CA THR D 241 28.05 -6.31 2.69
C THR D 241 26.88 -6.97 3.41
N HIS D 242 26.84 -8.31 3.38
CA HIS D 242 25.71 -9.04 3.98
C HIS D 242 25.96 -9.17 5.49
N VAL D 243 25.26 -8.33 6.27
CA VAL D 243 25.52 -8.20 7.71
C VAL D 243 25.28 -9.53 8.45
N PHE D 244 24.15 -10.21 8.12
CA PHE D 244 23.93 -11.47 8.85
C PHE D 244 25.01 -12.52 8.56
N ARG D 245 25.52 -12.62 7.31
CA ARG D 245 26.57 -13.60 7.01
C ARG D 245 27.82 -13.36 7.82
N LEU D 246 28.07 -12.12 8.26
CA LEU D 246 29.27 -11.75 9.00
C LEU D 246 28.96 -11.54 10.48
N LYS D 247 27.77 -11.98 10.96
CA LYS D 247 27.39 -11.63 12.31
C LYS D 247 28.21 -12.38 13.37
N LYS D 248 28.68 -13.58 13.07
CA LYS D 248 29.50 -14.27 14.06
C LYS D 248 30.79 -13.48 14.32
N TRP D 249 31.38 -12.87 13.30
CA TRP D 249 32.55 -12.04 13.55
C TRP D 249 32.20 -10.77 14.33
N ILE D 250 31.09 -10.10 13.98
CA ILE D 250 30.63 -8.94 14.75
C ILE D 250 30.54 -9.33 16.22
N GLN D 251 29.85 -10.42 16.52
N GLN D 251 29.85 -10.43 16.51
CA GLN D 251 29.63 -10.82 17.90
CA GLN D 251 29.62 -10.82 17.89
C GLN D 251 30.91 -11.23 18.60
C GLN D 251 30.92 -11.21 18.58
N LYS D 252 31.83 -11.85 17.86
CA LYS D 252 33.13 -12.22 18.46
C LYS D 252 33.89 -10.97 18.90
N VAL D 253 33.89 -9.95 18.03
CA VAL D 253 34.63 -8.73 18.33
C VAL D 253 34.03 -8.05 19.55
N ILE D 254 32.73 -7.83 19.52
CA ILE D 254 32.09 -7.16 20.66
C ILE D 254 32.22 -7.97 21.94
N ASP D 255 32.11 -9.31 21.83
CA ASP D 255 32.27 -10.13 23.06
C ASP D 255 33.67 -10.07 23.65
N GLN D 256 34.70 -9.94 22.81
CA GLN D 256 36.05 -10.02 23.30
C GLN D 256 36.52 -8.66 23.78
N PHE D 257 35.97 -7.59 23.19
CA PHE D 257 36.50 -6.25 23.38
C PHE D 257 35.50 -5.26 23.96
N GLY D 258 34.27 -5.69 24.22
CA GLY D 258 33.20 -4.82 24.71
C GLY D 258 33.29 -4.56 26.20
N GLY E 5 -20.30 -3.66 -27.69
CA GLY E 5 -19.74 -3.98 -26.38
C GLY E 5 -20.34 -3.29 -25.16
N GLU E 6 -21.34 -2.44 -25.33
CA GLU E 6 -21.83 -1.71 -24.16
C GLU E 6 -22.55 -2.62 -23.16
N ALA E 7 -23.31 -3.63 -23.62
CA ALA E 7 -24.08 -4.47 -22.68
C ALA E 7 -23.20 -5.22 -21.67
N ASP E 8 -22.10 -5.85 -22.12
CA ASP E 8 -21.19 -6.71 -21.32
C ASP E 8 -20.03 -5.95 -20.71
N CYS E 9 -20.02 -4.62 -20.90
N CYS E 9 -20.10 -4.66 -20.76
CA CYS E 9 -19.36 -3.56 -20.13
CA CYS E 9 -18.92 -3.93 -20.50
C CYS E 9 -18.61 -4.01 -18.85
C CYS E 9 -18.51 -4.17 -19.03
N GLY E 10 -17.28 -3.79 -18.74
CA GLY E 10 -16.76 -3.63 -17.36
C GLY E 10 -16.66 -4.88 -16.54
N LEU E 11 -16.86 -6.04 -17.14
CA LEU E 11 -16.76 -7.33 -16.45
C LEU E 11 -15.52 -8.05 -17.02
N ARG E 12 -14.48 -8.20 -16.22
CA ARG E 12 -13.22 -8.69 -16.76
C ARG E 12 -13.19 -10.23 -16.83
N PRO E 13 -12.83 -10.79 -17.97
CA PRO E 13 -12.74 -12.24 -18.08
C PRO E 13 -11.90 -12.92 -17.02
N LEU E 14 -10.76 -12.31 -16.57
CA LEU E 14 -9.91 -13.03 -15.65
C LEU E 14 -10.19 -12.68 -14.18
N PHE E 15 -11.20 -11.85 -13.94
CA PHE E 15 -11.53 -11.47 -12.56
C PHE E 15 -13.01 -11.74 -12.27
N GLU E 16 -13.86 -10.76 -12.59
CA GLU E 16 -15.28 -10.91 -12.26
C GLU E 16 -15.85 -12.18 -12.87
N LYS E 17 -15.52 -12.50 -14.13
CA LYS E 17 -16.16 -13.69 -14.72
C LYS E 17 -15.64 -14.99 -14.10
N LYS E 18 -14.55 -14.96 -13.34
CA LYS E 18 -14.00 -16.14 -12.72
C LYS E 18 -14.11 -16.06 -11.21
N SER E 19 -14.83 -15.08 -10.67
CA SER E 19 -14.94 -14.90 -9.21
C SER E 19 -13.59 -14.77 -8.52
N LEU E 20 -12.68 -14.08 -9.18
CA LEU E 20 -11.37 -13.75 -8.60
C LEU E 20 -11.31 -12.25 -8.42
N GLU E 21 -10.66 -11.79 -7.33
CA GLU E 21 -10.50 -10.36 -7.11
C GLU E 21 -9.06 -9.96 -7.40
N ASP E 22 -8.89 -8.77 -7.99
CA ASP E 22 -7.52 -8.28 -8.16
C ASP E 22 -6.98 -7.78 -6.80
N LYS E 23 -5.68 -7.50 -6.75
CA LYS E 23 -5.04 -7.31 -5.47
C LYS E 23 -5.48 -6.03 -4.77
N THR E 24 -6.10 -5.05 -5.47
CA THR E 24 -6.49 -3.82 -4.79
C THR E 24 -7.94 -3.43 -4.95
N GLU E 25 -8.78 -4.25 -5.63
CA GLU E 25 -10.16 -3.79 -5.85
C GLU E 25 -10.91 -3.66 -4.54
N ARG E 26 -10.61 -4.49 -3.56
CA ARG E 26 -11.35 -4.37 -2.31
C ARG E 26 -11.06 -3.06 -1.60
N GLU E 27 -9.86 -2.50 -1.76
CA GLU E 27 -9.61 -1.17 -1.19
C GLU E 27 -10.56 -0.14 -1.79
N LEU E 28 -10.82 -0.23 -3.09
CA LEU E 28 -11.76 0.70 -3.72
C LEU E 28 -13.13 0.55 -3.09
N LEU E 29 -13.59 -0.69 -3.00
CA LEU E 29 -14.90 -0.89 -2.40
C LEU E 29 -14.97 -0.42 -0.93
N GLU E 30 -13.88 -0.63 -0.16
CA GLU E 30 -13.90 -0.16 1.21
C GLU E 30 -14.03 1.35 1.31
N SER E 31 -13.65 2.07 0.24
CA SER E 31 -13.74 3.51 0.29
C SER E 31 -15.15 4.02 0.03
N TYR E 32 -16.06 3.17 -0.45
CA TYR E 32 -17.41 3.60 -0.87
C TYR E 32 -18.41 3.44 0.27
N ILE E 33 -18.39 4.38 1.21
CA ILE E 33 -19.29 4.26 2.34
C ILE E 33 -20.47 5.25 2.23
N ILE F 1 2.91 6.78 -13.96
CA ILE F 1 2.16 6.70 -12.71
C ILE F 1 3.13 6.79 -11.55
N VAL F 2 2.90 7.66 -10.55
CA VAL F 2 3.82 7.79 -9.41
C VAL F 2 3.27 7.00 -8.23
N GLU F 3 4.15 6.21 -7.60
CA GLU F 3 3.79 5.43 -6.42
C GLU F 3 2.73 4.41 -6.76
N GLY F 4 2.75 3.90 -7.98
CA GLY F 4 1.84 2.82 -8.36
C GLY F 4 2.53 1.46 -8.21
N SER F 5 1.80 0.44 -8.63
CA SER F 5 2.31 -0.92 -8.67
C SER F 5 2.09 -1.55 -10.05
N ASP F 6 2.84 -2.62 -10.31
CA ASP F 6 2.63 -3.40 -11.54
C ASP F 6 1.20 -3.97 -11.61
N ALA F 7 0.53 -3.76 -12.75
CA ALA F 7 -0.79 -4.34 -12.99
C ALA F 7 -0.69 -5.85 -13.07
N GLU F 8 -1.73 -6.52 -12.60
CA GLU F 8 -1.84 -7.95 -12.89
C GLU F 8 -2.30 -8.19 -14.35
N ILE F 9 -2.00 -9.38 -14.90
CA ILE F 9 -2.44 -9.74 -16.23
C ILE F 9 -3.97 -9.65 -16.32
N GLY F 10 -4.47 -8.96 -17.33
CA GLY F 10 -5.92 -8.86 -17.55
C GLY F 10 -6.66 -7.98 -16.57
N MET F 11 -5.94 -7.18 -15.75
CA MET F 11 -6.55 -6.35 -14.74
C MET F 11 -7.25 -5.12 -15.33
N SER F 12 -6.74 -4.63 -16.48
CA SER F 12 -7.26 -3.43 -17.10
C SER F 12 -7.42 -3.76 -18.59
N PRO F 13 -8.36 -4.64 -18.95
CA PRO F 13 -8.39 -5.11 -20.36
C PRO F 13 -8.90 -4.07 -21.33
N TRP F 14 -9.36 -2.96 -20.85
CA TRP F 14 -9.69 -1.82 -21.67
C TRP F 14 -8.52 -0.90 -21.89
N GLN F 15 -7.32 -1.20 -21.37
CA GLN F 15 -6.24 -0.27 -21.55
C GLN F 15 -5.84 -0.19 -23.03
N VAL F 16 -5.61 1.03 -23.49
CA VAL F 16 -5.03 1.28 -24.83
C VAL F 16 -3.87 2.27 -24.80
N MET F 17 -2.86 2.03 -25.65
N MET F 17 -2.88 2.04 -25.66
CA MET F 17 -1.71 2.90 -25.80
CA MET F 17 -1.70 2.91 -25.80
C MET F 17 -1.85 3.66 -27.11
C MET F 17 -1.83 3.67 -27.11
N LEU F 18 -1.69 4.98 -27.05
CA LEU F 18 -1.68 5.80 -28.26
C LEU F 18 -0.25 6.19 -28.65
N PHE F 19 0.11 5.91 -29.91
N PHE F 19 0.12 5.88 -29.89
CA PHE F 19 1.45 6.15 -30.43
CA PHE F 19 1.47 6.10 -30.41
C PHE F 19 1.43 7.19 -31.55
C PHE F 19 1.44 7.06 -31.58
N ARG F 20 2.50 7.98 -31.63
N ARG F 20 2.40 7.98 -31.63
CA ARG F 20 2.84 8.66 -32.87
CA ARG F 20 2.71 8.64 -32.89
C ARG F 20 3.45 7.61 -33.78
C ARG F 20 3.42 7.63 -33.78
N LYS F 21 3.05 7.61 -35.06
CA LYS F 21 3.50 6.53 -35.95
C LYS F 21 4.92 6.74 -36.48
N SER F 22 5.32 8.00 -36.74
CA SER F 22 6.63 8.28 -37.36
C SER F 22 7.21 9.63 -36.95
N PRO F 23 8.31 9.66 -36.16
CA PRO F 23 8.91 8.45 -35.57
C PRO F 23 8.04 7.80 -34.49
N GLN F 24 8.19 6.48 -34.35
N GLN F 24 8.23 6.50 -34.29
CA GLN F 24 7.45 5.73 -33.36
CA GLN F 24 7.48 5.76 -33.27
C GLN F 24 7.69 6.33 -31.98
C GLN F 24 7.74 6.36 -31.89
N GLU F 25 6.62 6.58 -31.25
N GLU F 25 6.68 6.89 -31.26
CA GLU F 25 6.77 7.27 -29.97
CA GLU F 25 6.80 7.43 -29.91
C GLU F 25 5.47 7.15 -29.20
C GLU F 25 5.48 7.14 -29.20
N LEU F 26 5.56 6.66 -27.96
CA LEU F 26 4.36 6.54 -27.15
C LEU F 26 3.96 7.92 -26.67
N LEU F 27 2.72 8.32 -26.93
CA LEU F 27 2.27 9.66 -26.61
C LEU F 27 1.49 9.74 -25.30
N CYS F 28 0.54 8.88 -25.08
N CYS F 28 0.60 8.71 -25.10
CA CYS F 28 -0.38 9.20 -24.01
CA CYS F 28 -0.38 8.44 -24.00
C CYS F 28 -1.11 7.91 -23.72
C CYS F 28 -1.27 7.18 -24.09
N GLY F 29 -1.76 7.88 -22.58
N GLY F 29 -2.29 7.09 -23.20
CA GLY F 29 -2.78 6.89 -22.35
CA GLY F 29 -3.13 5.91 -23.07
C GLY F 29 -4.08 7.26 -23.08
C GLY F 29 -4.50 6.06 -23.73
N ALA F 30 -4.99 6.32 -23.02
N ALA F 30 -5.36 5.04 -23.50
CA ALA F 30 -6.29 6.41 -23.67
CA ALA F 30 -6.71 4.92 -24.10
C ALA F 30 -7.08 5.23 -23.12
C ALA F 30 -7.42 3.67 -23.58
N SER F 31 -8.34 5.14 -23.52
N SER F 31 -8.72 3.54 -23.92
CA SER F 31 -9.19 4.09 -23.01
CA SER F 31 -9.55 2.46 -23.41
C SER F 31 -10.22 3.67 -24.05
C SER F 31 -10.50 1.86 -24.45
N LEU F 32 -10.60 2.40 -24.01
N LEU F 32 -10.78 0.56 -24.29
CA LEU F 32 -11.49 1.79 -24.98
CA LEU F 32 -11.62 -0.19 -25.22
C LEU F 32 -12.90 1.84 -24.43
C LEU F 32 -13.08 -0.21 -24.71
N ILE F 33 -13.81 2.49 -25.17
N ILE F 33 -14.01 0.33 -25.48
CA ILE F 33 -15.19 2.54 -24.72
CA ILE F 33 -15.40 0.39 -25.03
C ILE F 33 -16.13 1.73 -25.62
C ILE F 33 -16.35 -0.44 -25.88
N SER F 34 -15.65 1.27 -26.77
N SER F 34 -15.91 -0.97 -27.02
CA SER F 34 -16.40 0.27 -27.52
CA SER F 34 -16.63 -1.98 -27.80
C SER F 34 -15.40 -0.44 -28.43
C SER F 34 -15.60 -2.69 -28.68
N ASP F 35 -15.90 -1.23 -29.38
N ASP F 35 -16.06 -3.65 -29.51
CA ASP F 35 -14.96 -1.86 -30.29
CA ASP F 35 -15.09 -4.31 -30.38
C ASP F 35 -14.35 -0.88 -31.31
C ASP F 35 -14.58 -3.38 -31.48
N ARG F 36 -14.72 0.38 -31.31
N ARG F 36 -15.18 -2.20 -31.67
CA ARG F 36 -14.13 1.28 -32.30
CA ARG F 36 -14.69 -1.30 -32.71
C ARG F 36 -13.98 2.72 -31.82
C ARG F 36 -14.29 0.09 -32.25
N TRP F 37 -14.22 3.03 -30.56
N TRP F 37 -14.39 0.42 -30.95
CA TRP F 37 -14.04 4.39 -30.08
CA TRP F 37 -14.22 1.81 -30.52
C TRP F 37 -13.12 4.38 -28.88
C TRP F 37 -13.28 1.92 -29.32
N VAL F 38 -12.20 5.33 -28.87
N VAL F 38 -12.38 2.90 -29.38
CA VAL F 38 -11.21 5.48 -27.81
CA VAL F 38 -11.42 3.18 -28.33
C VAL F 38 -11.29 6.90 -27.27
C VAL F 38 -11.56 4.64 -27.92
N LEU F 39 -11.27 7.02 -25.94
N LEU F 39 -11.50 4.89 -26.62
CA LEU F 39 -11.24 8.31 -25.24
CA LEU F 39 -11.69 6.21 -26.02
C LEU F 39 -9.82 8.70 -24.83
C LEU F 39 -10.33 6.74 -25.54
N THR F 40 -9.49 9.98 -24.95
N THR F 40 -10.10 8.03 -25.76
CA THR F 40 -8.18 10.47 -24.46
CA THR F 40 -8.84 8.61 -25.32
C THR F 40 -8.29 11.96 -24.07
C THR F 40 -9.02 10.10 -25.02
N ALA F 41 -7.14 12.58 -23.78
N ALA F 41 -7.92 10.80 -24.71
CA ALA F 41 -7.14 13.99 -23.43
CA ALA F 41 -8.03 12.24 -24.54
C ALA F 41 -6.92 14.82 -24.69
C ALA F 41 -7.81 12.96 -25.86
N ALA F 42 -7.66 15.91 -24.80
N ALA F 42 -8.55 14.05 -26.05
CA ALA F 42 -7.45 16.82 -25.92
CA ALA F 42 -8.39 14.85 -27.27
C ALA F 42 -5.98 17.25 -26.05
C ALA F 42 -6.98 15.40 -27.43
N HIS F 43 -5.33 17.52 -24.93
N HIS F 43 -6.35 15.82 -26.33
CA HIS F 43 -4.00 18.08 -25.03
CA HIS F 43 -5.05 16.48 -26.47
C HIS F 43 -2.98 17.07 -25.51
C HIS F 43 -3.95 15.49 -26.90
N CYS F 44 -3.34 15.79 -25.57
N CYS F 44 -4.21 14.19 -26.76
CA CYS F 44 -2.39 14.83 -26.16
CA CYS F 44 -3.31 13.17 -27.32
C CYS F 44 -2.30 15.01 -27.66
C CYS F 44 -3.27 13.19 -28.83
N LEU F 45 -3.27 15.67 -28.25
N LEU F 45 -4.29 13.80 -29.46
CA LEU F 45 -3.37 15.95 -29.68
CA LEU F 45 -4.46 13.92 -30.91
C LEU F 45 -3.09 17.39 -30.01
C LEU F 45 -4.10 15.30 -31.45
N LEU F 46 -3.64 18.33 -29.25
N LEU F 46 -4.62 16.37 -30.86
CA LEU F 46 -3.62 19.75 -29.62
CA LEU F 46 -4.22 17.71 -31.28
C LEU F 46 -3.09 20.54 -28.43
C LEU F 46 -4.10 18.69 -30.12
N TYR F 47 -1.91 21.15 -28.59
N TYR F 47 -3.05 19.51 -30.23
CA TYR F 47 -1.41 22.08 -27.59
CA TYR F 47 -2.71 20.51 -29.23
C TYR F 47 -0.64 23.12 -28.32
C TYR F 47 -1.94 21.54 -30.03
N PRO F 48 -1.29 24.20 -28.72
N PRO F 48 -2.65 22.55 -30.58
CA PRO F 48 -0.62 25.22 -29.55
CA PRO F 48 -2.07 23.47 -31.59
C PRO F 48 0.65 25.78 -28.91
C PRO F 48 -0.72 24.05 -31.19
N PRO F 49 0.73 25.98 -27.58
N PRO F 49 -0.54 24.55 -29.95
CA PRO F 49 1.98 26.56 -27.04
CA PRO F 49 0.77 25.14 -29.63
C PRO F 49 3.25 25.80 -27.42
C PRO F 49 1.93 24.19 -29.90
N TRP F 50 3.18 24.47 -27.48
N TRP F 50 1.87 22.97 -29.39
CA TRP F 50 4.31 23.63 -27.84
CA TRP F 50 2.85 21.93 -29.74
C TRP F 50 4.27 23.18 -29.30
C TRP F 50 2.34 21.26 -31.01
N ASP F 51 3.45 23.82 -30.12
N ASP F 51 2.47 21.97 -32.13
CA ASP F 51 3.37 23.46 -31.54
CA ASP F 51 1.98 21.60 -33.47
C ASP F 51 3.03 21.98 -31.71
C ASP F 51 1.49 20.17 -33.66
N LYS F 52 1.90 21.62 -31.13
N LYS F 52 0.68 19.67 -32.74
CA LYS F 52 1.43 20.24 -31.17
CA LYS F 52 0.18 18.31 -32.81
C LYS F 52 0.04 20.28 -31.78
C LYS F 52 -1.14 18.33 -33.56
N ASN F 53 -0.12 19.62 -32.93
N ASN F 53 -1.22 17.55 -34.63
CA ASN F 53 -1.43 19.46 -33.56
CA ASN F 53 -2.48 17.31 -35.32
C ASN F 53 -1.36 18.17 -34.36
C ASN F 53 -2.45 15.96 -36.01
N PHE F 54 -1.70 17.06 -33.70
N PHE F 54 -2.73 14.91 -35.26
CA PHE F 54 -1.67 15.75 -34.33
CA PHE F 54 -2.61 13.54 -35.74
C PHE F 54 -3.06 15.43 -34.88
C PHE F 54 -3.99 13.02 -36.12
N THR F 55 -3.10 14.90 -36.10
N THR F 55 -4.05 12.28 -37.23
CA THR F 55 -4.33 14.45 -36.75
CA THR F 55 -5.27 11.62 -37.68
C THR F 55 -4.34 12.93 -36.89
C THR F 55 -4.90 10.20 -38.12
N GLU F 56 -5.43 12.39 -37.47
N GLU F 56 -5.56 9.73 -39.20
CA GLU F 56 -5.63 10.94 -37.44
CA GLU F 56 -5.24 8.42 -39.78
C GLU F 56 -4.56 10.16 -38.18
C GLU F 56 -3.73 8.25 -39.96
N ASN F 57 -3.98 10.72 -39.23
N ASN F 57 -3.13 9.15 -40.72
CA ASN F 57 -2.93 10.02 -39.96
CA ASN F 57 -1.68 9.22 -40.78
C ASN F 57 -1.54 10.25 -39.39
C ASN F 57 -1.12 9.51 -39.40
N ASP F 58 -1.45 10.80 -38.19
N ASP F 58 -0.09 8.77 -39.03
CA ASP F 58 -0.20 10.93 -37.48
CA ASP F 58 0.76 8.97 -37.87
C ASP F 58 -0.01 9.91 -36.37
C ASP F 58 0.25 8.35 -36.56
N LEU F 59 -1.01 9.06 -36.12
N LEU F 59 -0.86 7.58 -36.55
CA LEU F 59 -1.11 8.32 -34.85
CA LEU F 59 -1.35 6.99 -35.30
C LEU F 59 -1.52 6.86 -35.09
C LEU F 59 -1.66 5.51 -35.45
N LEU F 60 -1.28 6.02 -34.09
N LEU F 60 -1.38 4.74 -34.40
CA LEU F 60 -1.90 4.70 -34.02
CA LEU F 60 -1.76 3.34 -34.33
C LEU F 60 -2.04 4.32 -32.54
C LEU F 60 -2.20 3.04 -32.89
N VAL F 61 -2.78 3.24 -32.28
N VAL F 61 -2.67 1.82 -32.65
CA VAL F 61 -2.97 2.76 -30.92
CA VAL F 61 -3.23 1.44 -31.35
C VAL F 61 -2.64 1.28 -30.80
C VAL F 61 -2.81 0.01 -31.03
N ARG F 62 -2.27 0.86 -29.58
N ARG F 62 -2.44 -0.25 -29.76
CA ARG F 62 -2.03 -0.53 -29.22
CA ARG F 62 -2.06 -1.58 -29.28
C ARG F 62 -2.94 -0.91 -28.05
C ARG F 62 -3.01 -2.00 -28.15
N ILE F 63 -3.61 -2.06 -28.17
N ILE F 63 -3.52 -3.23 -28.20
CA ILE F 63 -4.64 -2.52 -27.24
CA ILE F 63 -4.65 -3.65 -27.37
C ILE F 63 -4.28 -3.94 -26.81
C ILE F 63 -4.31 -4.89 -26.56
N GLY F 64 -4.60 -4.29 -25.55
N GLY F 64 -4.72 -4.92 -25.30
CA GLY F 64 -4.32 -5.62 -25.04
CA GLY F 64 -4.44 -6.10 -24.51
C GLY F 64 -2.95 -5.87 -24.43
C GLY F 64 -3.02 -6.18 -24.02
N LYS F 65 -2.19 -4.83 -24.09
N LYS F 65 -2.33 -5.05 -23.90
CA LYS F 65 -0.82 -5.08 -23.65
CA LYS F 65 -0.91 -5.01 -23.56
C LYS F 65 -0.64 -5.01 -22.14
C LYS F 65 -0.71 -5.12 -22.05
N HIS F 66 0.47 -5.63 -21.68
CA HIS F 66 0.89 -5.64 -20.29
C HIS F 66 2.31 -5.12 -20.17
N SER F 67 3.17 -5.63 -21.01
CA SER F 67 4.58 -5.26 -20.98
C SER F 67 4.87 -4.43 -22.22
N ARG F 68 5.37 -3.22 -22.04
CA ARG F 68 5.57 -2.36 -23.18
C ARG F 68 6.89 -2.56 -23.89
N THR F 69 7.75 -3.46 -23.42
CA THR F 69 9.02 -3.70 -24.08
C THR F 69 9.13 -5.11 -24.63
N ARG F 70 8.00 -5.75 -24.88
CA ARG F 70 7.98 -7.10 -25.42
C ARG F 70 6.71 -7.25 -26.24
N TYR F 71 6.82 -7.91 -27.39
CA TYR F 71 5.64 -8.18 -28.19
C TYR F 71 4.88 -9.34 -27.58
N GLU F 72 3.59 -9.13 -27.30
CA GLU F 72 2.78 -10.15 -26.65
C GLU F 72 1.91 -10.85 -27.71
N ARG F 73 2.46 -11.94 -28.24
CA ARG F 73 1.92 -12.63 -29.41
C ARG F 73 0.56 -13.23 -29.12
N ASN F 74 -0.37 -12.99 -30.05
CA ASN F 74 -1.75 -13.45 -29.98
C ASN F 74 -2.51 -12.81 -28.83
N ILE F 75 -1.95 -11.77 -28.24
CA ILE F 75 -2.57 -11.08 -27.14
C ILE F 75 -2.75 -9.63 -27.55
N GLU F 76 -1.65 -8.97 -27.90
CA GLU F 76 -1.88 -7.58 -28.25
C GLU F 76 -2.47 -7.45 -29.65
N LYS F 77 -3.03 -6.27 -29.93
CA LYS F 77 -3.64 -5.98 -31.21
C LYS F 77 -3.35 -4.55 -31.64
N ILE F 78 -3.21 -4.34 -32.96
CA ILE F 78 -2.88 -3.04 -33.56
C ILE F 78 -4.07 -2.43 -34.29
N SER F 79 -4.06 -1.09 -34.42
CA SER F 79 -5.09 -0.42 -35.20
C SER F 79 -4.69 1.01 -35.61
N MET F 80 -4.98 1.39 -36.87
CA MET F 80 -4.98 2.81 -37.25
C MET F 80 -6.34 3.47 -36.97
N LEU F 81 -6.38 4.79 -37.12
CA LEU F 81 -7.53 5.61 -36.74
C LEU F 81 -8.22 6.21 -37.95
N GLU F 82 -9.53 5.99 -38.02
CA GLU F 82 -10.35 6.58 -39.05
C GLU F 82 -10.47 8.09 -38.86
N LYS F 83 -10.88 8.53 -37.67
CA LYS F 83 -11.13 9.95 -37.48
C LYS F 83 -10.90 10.31 -36.03
N ILE F 84 -10.97 11.61 -35.75
CA ILE F 84 -10.50 12.19 -34.49
C ILE F 84 -11.30 13.47 -34.19
N TYR F 85 -11.68 13.63 -32.91
CA TYR F 85 -12.60 14.69 -32.52
C TYR F 85 -12.19 15.29 -31.19
N ILE F 86 -11.96 16.60 -31.15
CA ILE F 86 -11.68 17.34 -29.92
C ILE F 86 -12.91 18.14 -29.46
N HIS F 87 -13.03 18.35 -28.13
CA HIS F 87 -14.20 19.08 -27.65
C HIS F 87 -14.12 20.52 -28.14
N PRO F 88 -15.18 21.04 -28.77
CA PRO F 88 -15.05 22.35 -29.44
C PRO F 88 -14.79 23.50 -28.48
N ARG F 89 -15.10 23.38 -27.19
CA ARG F 89 -14.81 24.42 -26.21
C ARG F 89 -13.64 24.05 -25.30
N TYR F 90 -12.71 23.29 -25.83
CA TYR F 90 -11.46 23.00 -25.17
C TYR F 90 -10.70 24.31 -24.97
N ASN F 91 -10.13 24.48 -23.78
CA ASN F 91 -9.47 25.72 -23.43
C ASN F 91 -8.05 25.38 -23.00
N TRP F 92 -7.15 25.30 -23.98
CA TRP F 92 -5.78 24.99 -23.66
C TRP F 92 -5.06 26.16 -23.00
N ARG F 93 -5.48 27.41 -23.27
CA ARG F 93 -4.70 28.55 -22.79
C ARG F 93 -4.92 28.84 -21.30
N GLU F 94 -6.15 28.72 -20.80
CA GLU F 94 -6.42 29.13 -19.43
C GLU F 94 -6.15 28.04 -18.41
N ASN F 95 -6.80 26.89 -18.56
CA ASN F 95 -6.85 25.93 -17.46
C ASN F 95 -6.97 24.49 -17.95
N LEU F 96 -6.74 24.25 -19.24
CA LEU F 96 -7.02 22.96 -19.88
C LEU F 96 -8.46 22.51 -19.67
N ASP F 97 -9.40 23.44 -19.77
CA ASP F 97 -10.81 23.06 -19.63
C ASP F 97 -11.24 22.13 -20.80
N ARG F 98 -12.23 21.30 -20.50
N ARG F 98 -11.99 21.01 -20.51
CA ARG F 98 -12.81 20.40 -21.47
CA ARG F 98 -12.60 20.03 -21.49
C ARG F 98 -11.70 19.65 -22.21
C ARG F 98 -11.77 19.15 -22.50
N ASP F 99 -10.76 19.09 -21.43
N ASP F 99 -11.82 17.75 -22.52
CA ASP F 99 -9.59 18.34 -21.90
CA ASP F 99 -10.80 16.89 -23.21
C ASP F 99 -9.99 16.91 -22.28
C ASP F 99 -11.08 15.41 -23.59
N ILE F 100 -10.69 16.79 -23.40
N ILE F 100 -11.55 15.10 -24.80
CA ILE F 100 -11.23 15.50 -23.82
CA ILE F 100 -12.01 13.73 -25.10
C ILE F 100 -11.21 15.43 -25.33
C ILE F 100 -12.03 13.50 -26.61
N ALA F 101 -10.86 14.25 -25.86
N ALA F 101 -11.70 12.26 -27.03
CA ALA F 101 -10.93 13.97 -27.29
CA ALA F 101 -11.81 11.87 -28.44
C ALA F 101 -11.44 12.55 -27.52
C ALA F 101 -12.15 10.38 -28.57
N LEU F 102 -12.07 12.34 -28.68
N LEU F 102 -12.67 10.00 -29.73
CA LEU F 102 -12.48 11.01 -29.11
CA LEU F 102 -12.96 8.61 -30.07
C LEU F 102 -11.72 10.64 -30.38
C LEU F 102 -12.19 8.20 -31.31
N MET F 103 -11.32 9.36 -30.46
N MET F 103 -11.86 6.92 -31.38
CA MET F 103 -10.64 8.85 -31.64
CA MET F 103 -11.03 6.39 -32.45
C MET F 103 -11.38 7.60 -32.08
C MET F 103 -11.63 5.05 -32.86
N LYS F 104 -11.74 7.56 -33.36
N LYS F 104 -11.96 4.91 -34.15
CA LYS F 104 -12.43 6.43 -33.97
CA LYS F 104 -12.65 3.72 -34.67
C LYS F 104 -11.45 5.59 -34.75
C LYS F 104 -11.64 2.76 -35.29
N LEU F 105 -11.44 4.29 -34.46
N LEU F 105 -11.62 1.53 -34.78
CA LEU F 105 -10.52 3.36 -35.11
CA LEU F 105 -10.74 0.51 -35.32
C LEU F 105 -10.92 3.06 -36.55
C LEU F 105 -11.08 0.19 -36.78
N LYS F 106 -9.90 2.95 -37.40
N LYS F 106 -10.07 -0.19 -37.55
CA LYS F 106 -10.12 2.57 -38.79
CA LYS F 106 -10.35 -0.59 -38.93
C LYS F 106 -10.94 1.28 -38.90
C LYS F 106 -11.24 -1.84 -39.00
N LYS F 107 -10.62 0.28 -38.09
N LYS F 107 -10.97 -2.85 -38.17
CA LYS F 107 -11.40 -0.97 -38.08
CA LYS F 107 -11.73 -4.09 -38.08
C LYS F 107 -11.68 -1.40 -36.64
C LYS F 107 -12.09 -4.30 -36.62
N PRO F 108 -12.87 -1.93 -36.37
N PRO F 108 -13.14 -5.10 -36.34
CA PRO F 108 -13.17 -2.37 -35.01
CA PRO F 108 -13.42 -5.46 -34.93
C PRO F 108 -12.21 -3.44 -34.49
C PRO F 108 -12.25 -6.23 -34.33
N VAL F 109 -12.05 -3.48 -33.15
N VAL F 109 -11.94 -5.95 -33.04
CA VAL F 109 -11.11 -4.39 -32.50
CA VAL F 109 -10.99 -6.75 -32.28
C VAL F 109 -11.91 -5.54 -31.91
C VAL F 109 -11.76 -7.87 -31.56
N ALA F 110 -11.35 -6.74 -31.93
N ALA F 110 -11.18 -9.06 -31.51
CA ALA F 110 -12.01 -7.90 -31.34
CA ALA F 110 -11.87 -10.19 -30.89
C ALA F 110 -11.75 -7.95 -29.84
C ALA F 110 -11.60 -10.14 -29.39
N PHE F 111 -12.80 -8.12 -29.04
N PHE F 111 -12.66 -10.34 -28.61
CA PHE F 111 -12.60 -8.29 -27.60
CA PHE F 111 -12.53 -10.41 -27.17
C PHE F 111 -12.01 -9.65 -27.29
C PHE F 111 -11.90 -11.72 -26.74
N SER F 112 -11.30 -9.71 -26.17
N SER F 112 -11.26 -11.69 -25.58
CA SER F 112 -10.66 -10.93 -25.70
CA SER F 112 -10.46 -12.78 -25.04
C SER F 112 -10.53 -10.85 -24.19
C SER F 112 -10.37 -12.57 -23.54
N ASP F 113 -9.77 -11.78 -23.61
N ASP F 113 -9.65 -13.47 -22.88
CA ASP F 113 -9.50 -11.70 -22.18
CA ASP F 113 -9.35 -13.29 -21.45
C ASP F 113 -8.68 -10.45 -21.85
C ASP F 113 -8.56 -12.02 -21.17
N TYR F 114 -8.03 -9.86 -22.84
N TYR F 114 -7.92 -11.44 -22.18
CA TYR F 114 -7.12 -8.75 -22.59
CA TYR F 114 -7.01 -10.32 -22.03
C TYR F 114 -7.62 -7.43 -23.13
C TYR F 114 -7.52 -9.04 -22.68
N ILE F 115 -8.74 -7.44 -23.87
N ILE F 115 -8.60 -9.11 -23.48
CA ILE F 115 -9.24 -6.28 -24.60
CA ILE F 115 -9.16 -7.97 -24.19
C ILE F 115 -10.73 -6.25 -24.34
C ILE F 115 -10.66 -7.99 -23.97
N HIS F 116 -11.23 -5.23 -23.64
N HIS F 116 -11.18 -6.96 -23.31
CA HIS F 116 -12.63 -5.21 -23.25
CA HIS F 116 -12.59 -6.92 -22.98
C HIS F 116 -12.97 -3.76 -22.89
C HIS F 116 -12.95 -5.48 -22.69
N PRO F 117 -14.09 -3.17 -23.33
N PRO F 117 -14.13 -5.02 -23.09
CA PRO F 117 -14.35 -1.74 -23.07
CA PRO F 117 -14.44 -3.59 -22.93
C PRO F 117 -14.78 -1.44 -21.65
C PRO F 117 -14.90 -3.22 -21.52
N VAL F 118 -14.49 -0.21 -21.23
N VAL F 118 -14.63 -1.96 -21.14
CA VAL F 118 -14.93 0.27 -19.92
CA VAL F 118 -15.12 -1.41 -19.87
C VAL F 118 -16.27 0.97 -20.10
C VAL F 118 -16.51 -0.79 -20.11
N CYS F 119 -17.09 1.09 -19.04
N CYS F 119 -17.27 -0.61 -19.02
CA CYS F 119 -18.41 1.73 -19.23
CA CYS F 119 -18.60 0.02 -19.11
C CYS F 119 -18.32 3.23 -19.05
C CYS F 119 -18.47 1.53 -19.06
N LEU F 120 -19.12 3.93 -19.79
N LEU F 120 -19.37 2.22 -19.78
CA LEU F 120 -19.30 5.34 -19.52
CA LEU F 120 -19.58 3.62 -19.46
C LEU F 120 -20.28 5.49 -18.35
C LEU F 120 -20.68 3.74 -18.39
N PRO F 121 -20.07 6.49 -17.50
N PRO F 121 -20.60 4.72 -17.49
CA PRO F 121 -20.92 6.62 -16.30
CA PRO F 121 -21.57 4.76 -16.40
C PRO F 121 -22.33 7.01 -16.67
C PRO F 121 -23.00 5.09 -16.82
N ASP F 122 -23.28 6.49 -15.93
N ASP F 122 -23.93 4.35 -16.27
CA ASP F 122 -24.62 6.99 -16.11
CA ASP F 122 -25.31 4.74 -16.38
C ASP F 122 -25.01 7.90 -14.95
C ASP F 122 -25.56 5.86 -15.38
N ARG F 123 -26.17 8.51 -15.09
N ARG F 123 -26.75 6.43 -15.45
CA ARG F 123 -26.79 9.30 -14.04
CA ARG F 123 -27.06 7.65 -14.66
C ARG F 123 -26.61 8.67 -12.66
C ARG F 123 -26.83 7.43 -13.17
N GLU F 124 -26.95 7.38 -12.53
N GLU F 124 -27.39 6.36 -12.60
CA GLU F 124 -27.07 6.77 -11.19
CA GLU F 124 -27.38 6.22 -11.14
C GLU F 124 -25.73 6.26 -10.70
C GLU F 124 -25.98 5.93 -10.61
N THR F 125 -25.11 5.36 -11.46
CA THR F 125 -23.74 5.03 -11.12
C THR F 125 -22.89 6.29 -10.96
N ALA F 126 -23.07 7.31 -11.84
CA ALA F 126 -22.25 8.51 -11.66
C ALA F 126 -22.57 9.27 -10.40
N ALA F 127 -23.87 9.42 -10.05
CA ALA F 127 -24.19 10.12 -8.83
C ALA F 127 -23.78 9.32 -7.59
N SER F 128 -23.85 8.00 -7.67
CA SER F 128 -23.51 7.16 -6.52
C SER F 128 -22.00 7.17 -6.23
N LEU F 129 -21.17 7.16 -7.27
CA LEU F 129 -19.75 6.88 -7.03
C LEU F 129 -18.87 8.12 -7.03
N LEU F 130 -19.29 9.21 -7.67
CA LEU F 130 -18.45 10.40 -7.69
C LEU F 130 -18.70 11.22 -6.42
N GLN F 131 -18.05 10.81 -5.33
CA GLN F 131 -18.16 11.47 -4.04
C GLN F 131 -16.78 11.59 -3.42
N ALA F 132 -16.62 12.62 -2.60
CA ALA F 132 -15.33 12.87 -1.93
C ALA F 132 -14.90 11.66 -1.12
N GLY F 133 -13.65 11.22 -1.29
CA GLY F 133 -13.13 10.13 -0.52
C GLY F 133 -13.30 8.79 -1.18
N TYR F 134 -14.22 8.67 -2.12
CA TYR F 134 -14.33 7.44 -2.86
C TYR F 134 -13.13 7.30 -3.80
N LYS F 135 -12.53 6.12 -3.85
CA LYS F 135 -11.33 5.90 -4.64
C LYS F 135 -11.64 5.35 -6.02
N GLY F 136 -10.93 5.89 -7.01
CA GLY F 136 -10.85 5.30 -8.32
C GLY F 136 -9.43 4.87 -8.66
N ARG F 137 -9.28 4.31 -9.87
CA ARG F 137 -8.04 3.66 -10.22
C ARG F 137 -7.52 4.28 -11.51
N VAL F 138 -6.26 4.62 -11.54
CA VAL F 138 -5.61 5.21 -12.73
C VAL F 138 -4.52 4.25 -13.19
N THR F 139 -4.40 4.07 -14.48
CA THR F 139 -3.42 3.15 -15.06
C THR F 139 -2.66 3.78 -16.22
N GLY F 140 -1.39 3.40 -16.37
CA GLY F 140 -0.66 3.97 -17.52
C GLY F 140 0.80 3.54 -17.55
N TRP F 141 1.47 3.86 -18.67
CA TRP F 141 2.88 3.60 -18.88
C TRP F 141 3.67 4.90 -18.85
N GLY F 142 3.11 5.95 -18.28
CA GLY F 142 3.78 7.21 -18.23
C GLY F 142 4.89 7.20 -17.19
N ASN F 143 5.49 8.38 -17.01
CA ASN F 143 6.67 8.51 -16.17
C ASN F 143 6.38 8.14 -14.72
N LEU F 144 7.40 7.62 -14.06
CA LEU F 144 7.31 7.17 -12.67
C LEU F 144 7.65 8.26 -11.65
N LYS F 145 8.20 9.40 -12.08
CA LYS F 145 8.56 10.51 -11.19
C LYS F 145 8.47 11.77 -12.04
N GLU F 146 8.10 12.90 -11.41
CA GLU F 146 7.99 14.18 -12.11
C GLU F 146 9.21 14.58 -13.00
N LYS F 154 15.05 8.10 -18.45
CA LYS F 154 13.76 8.25 -19.12
C LYS F 154 12.63 8.05 -18.09
N GLY F 155 12.80 7.05 -17.24
CA GLY F 155 11.86 6.84 -16.17
C GLY F 155 10.57 6.24 -16.65
N GLN F 156 10.61 5.39 -17.67
CA GLN F 156 9.35 4.79 -18.11
C GLN F 156 9.33 3.32 -17.75
N PRO F 157 8.23 2.81 -17.22
CA PRO F 157 8.20 1.39 -16.83
C PRO F 157 7.89 0.48 -18.02
N SER F 158 8.32 -0.77 -17.92
CA SER F 158 7.88 -1.72 -18.94
C SER F 158 6.48 -2.23 -18.62
N VAL F 159 6.18 -2.53 -17.38
CA VAL F 159 4.85 -3.10 -17.13
C VAL F 159 3.86 -2.04 -16.68
N LEU F 160 2.63 -2.19 -17.18
CA LEU F 160 1.56 -1.24 -16.92
C LEU F 160 1.51 -1.00 -15.42
N GLN F 161 1.33 0.27 -15.04
CA GLN F 161 1.27 0.65 -13.64
C GLN F 161 -0.15 1.02 -13.23
N VAL F 162 -0.42 0.83 -11.94
CA VAL F 162 -1.78 1.06 -11.44
C VAL F 162 -1.64 1.82 -10.11
N VAL F 163 -2.51 2.82 -9.90
CA VAL F 163 -2.59 3.43 -8.57
C VAL F 163 -4.05 3.73 -8.25
N ASN F 164 -4.41 3.65 -6.97
CA ASN F 164 -5.76 3.97 -6.56
C ASN F 164 -5.71 5.27 -5.77
N LEU F 165 -6.63 6.21 -6.10
CA LEU F 165 -6.60 7.53 -5.50
C LEU F 165 -7.99 8.03 -5.15
N PRO F 166 -8.12 8.71 -4.01
CA PRO F 166 -9.42 9.22 -3.59
C PRO F 166 -9.83 10.48 -4.33
N ILE F 167 -11.12 10.56 -4.70
CA ILE F 167 -11.67 11.82 -5.21
C ILE F 167 -11.62 12.85 -4.08
N VAL F 168 -11.39 14.10 -4.44
CA VAL F 168 -11.18 15.16 -3.45
C VAL F 168 -12.34 16.16 -3.50
N GLU F 169 -12.68 16.71 -2.33
CA GLU F 169 -13.74 17.71 -2.25
C GLU F 169 -13.44 18.88 -3.18
N ARG F 170 -14.45 19.30 -3.93
CA ARG F 170 -14.24 20.40 -4.87
C ARG F 170 -13.61 21.65 -4.25
N PRO F 171 -14.01 22.14 -3.06
CA PRO F 171 -13.33 23.32 -2.52
C PRO F 171 -11.86 23.07 -2.23
N VAL F 172 -11.48 21.85 -1.84
CA VAL F 172 -10.06 21.58 -1.65
C VAL F 172 -9.32 21.64 -2.98
N CYS F 173 -9.90 21.07 -4.04
CA CYS F 173 -9.28 21.13 -5.36
C CYS F 173 -9.06 22.57 -5.76
N LYS F 174 -10.06 23.41 -5.54
CA LYS F 174 -9.99 24.81 -5.97
C LYS F 174 -8.90 25.56 -5.21
N ASP F 175 -8.87 25.39 -3.88
CA ASP F 175 -7.88 26.08 -3.07
C ASP F 175 -6.46 25.55 -3.29
N SER F 176 -6.31 24.42 -3.96
CA SER F 176 -4.98 23.83 -4.11
C SER F 176 -4.16 24.55 -5.18
N THR F 177 -4.81 25.35 -6.01
CA THR F 177 -4.18 25.90 -7.19
C THR F 177 -4.76 27.28 -7.44
N ARG F 178 -3.98 28.11 -8.13
CA ARG F 178 -4.40 29.43 -8.60
C ARG F 178 -5.11 29.38 -9.94
N ILE F 179 -5.18 28.20 -10.57
CA ILE F 179 -5.81 28.02 -11.87
C ILE F 179 -7.30 27.84 -11.67
N ARG F 180 -8.11 28.50 -12.52
CA ARG F 180 -9.56 28.39 -12.40
C ARG F 180 -9.97 26.95 -12.68
N ILE F 181 -10.58 26.30 -11.69
CA ILE F 181 -11.11 24.94 -11.84
C ILE F 181 -12.59 25.05 -12.23
N THR F 182 -13.06 24.16 -13.10
CA THR F 182 -14.45 24.20 -13.56
C THR F 182 -15.13 22.90 -13.24
N ASP F 183 -16.46 22.86 -13.49
CA ASP F 183 -17.25 21.63 -13.29
C ASP F 183 -17.04 20.58 -14.38
N ASN F 184 -16.13 20.82 -15.32
CA ASN F 184 -15.71 19.83 -16.30
C ASN F 184 -14.52 18.99 -15.78
N MET F 185 -14.06 19.28 -14.58
CA MET F 185 -12.94 18.59 -13.97
C MET F 185 -13.34 18.08 -12.61
N PHE F 186 -12.68 17.00 -12.20
CA PHE F 186 -12.63 16.70 -10.79
C PHE F 186 -11.17 16.41 -10.43
N CYS F 187 -10.90 16.38 -9.15
CA CYS F 187 -9.54 16.15 -8.71
C CYS F 187 -9.43 14.99 -7.71
N ALA F 188 -8.32 14.29 -7.78
CA ALA F 188 -8.10 13.12 -6.95
C ALA F 188 -6.64 13.08 -6.51
N GLY F 189 -6.42 12.42 -5.38
CA GLY F 189 -5.12 12.37 -4.73
C GLY F 189 -5.24 12.44 -3.22
N TYR F 190 -4.21 11.95 -2.54
CA TYR F 190 -4.16 12.02 -1.09
C TYR F 190 -3.72 13.39 -0.64
N LYS F 191 -4.30 13.84 0.47
CA LYS F 191 -3.86 15.10 1.06
C LYS F 191 -2.58 14.87 1.84
N PRO F 192 -1.77 15.93 2.09
CA PRO F 192 -0.46 15.71 2.76
C PRO F 192 -0.60 15.02 4.12
N ASP F 193 -1.65 15.38 4.85
CA ASP F 193 -1.86 14.75 6.14
C ASP F 193 -2.27 13.28 6.06
N GLU F 194 -2.59 12.73 4.88
CA GLU F 194 -2.96 11.33 4.80
C GLU F 194 -1.76 10.41 4.70
N GLY F 195 -0.58 10.94 4.37
CA GLY F 195 0.60 10.10 4.39
C GLY F 195 0.79 9.21 3.17
N LYS F 196 -0.26 8.55 2.68
CA LYS F 196 -0.19 7.83 1.41
C LYS F 196 -0.03 8.81 0.25
N ARG F 197 0.47 8.31 -0.89
CA ARG F 197 0.65 9.25 -1.99
C ARG F 197 0.42 8.53 -3.32
N GLY F 198 0.73 9.22 -4.41
CA GLY F 198 0.49 8.66 -5.73
C GLY F 198 -0.20 9.69 -6.61
N ASP F 199 0.00 9.55 -7.92
CA ASP F 199 -0.54 10.49 -8.90
C ASP F 199 -0.29 9.89 -10.28
N ALA F 200 -1.02 10.38 -11.26
CA ALA F 200 -0.58 10.20 -12.65
C ALA F 200 0.56 11.17 -12.98
N CYS F 201 1.25 10.91 -14.09
CA CYS F 201 2.39 11.75 -14.46
C CYS F 201 2.46 11.86 -15.99
N GLU F 202 3.57 12.41 -16.49
CA GLU F 202 3.72 12.62 -17.93
C GLU F 202 3.56 11.32 -18.71
N GLY F 203 2.79 11.35 -19.79
CA GLY F 203 2.52 10.15 -20.57
C GLY F 203 1.32 9.35 -20.12
N ASP F 204 0.81 9.59 -18.90
CA ASP F 204 -0.42 8.90 -18.47
C ASP F 204 -1.66 9.64 -18.94
N SER F 205 -1.48 10.87 -19.40
CA SER F 205 -2.59 11.69 -19.88
C SER F 205 -3.42 10.88 -20.88
N GLY F 206 -4.74 11.08 -20.87
CA GLY F 206 -5.54 10.31 -21.76
C GLY F 206 -6.00 8.97 -21.26
N GLY F 207 -5.31 8.36 -20.28
CA GLY F 207 -5.79 7.10 -19.78
C GLY F 207 -6.98 7.26 -18.80
N PRO F 208 -7.51 6.12 -18.38
CA PRO F 208 -8.78 6.07 -17.62
C PRO F 208 -8.63 6.13 -16.09
N PHE F 209 -9.57 6.84 -15.46
CA PHE F 209 -9.80 6.80 -14.01
C PHE F 209 -11.09 5.97 -13.90
N VAL F 210 -11.00 4.74 -13.35
CA VAL F 210 -12.14 3.83 -13.31
C VAL F 210 -12.59 3.57 -11.86
N MET F 211 -13.84 3.17 -11.73
CA MET F 211 -14.37 2.82 -10.41
C MET F 211 -15.27 1.60 -10.59
N LYS F 212 -15.31 0.77 -9.55
CA LYS F 212 -16.09 -0.46 -9.60
C LYS F 212 -17.40 -0.31 -8.84
N SER F 213 -18.52 -0.67 -9.49
CA SER F 213 -19.81 -0.56 -8.80
C SER F 213 -19.97 -1.69 -7.80
N PRO F 214 -20.27 -1.41 -6.53
CA PRO F 214 -20.54 -2.51 -5.61
C PRO F 214 -21.86 -3.19 -5.91
N PHE F 215 -22.70 -2.58 -6.71
CA PHE F 215 -24.07 -3.04 -6.94
C PHE F 215 -24.16 -4.03 -8.10
N ASN F 216 -23.42 -3.78 -9.18
CA ASN F 216 -23.47 -4.70 -10.31
C ASN F 216 -22.10 -5.26 -10.70
N ASN F 217 -21.06 -4.98 -9.90
CA ASN F 217 -19.72 -5.52 -10.12
C ASN F 217 -19.01 -4.98 -11.36
N ARG F 218 -19.59 -4.04 -12.10
CA ARG F 218 -18.97 -3.58 -13.35
C ARG F 218 -18.00 -2.42 -13.06
N TRP F 219 -16.98 -2.30 -13.90
CA TRP F 219 -16.07 -1.17 -13.90
C TRP F 219 -16.57 -0.08 -14.85
N TYR F 220 -16.52 1.16 -14.38
CA TYR F 220 -16.97 2.35 -15.11
C TYR F 220 -15.85 3.38 -15.23
N GLN F 221 -15.71 4.01 -16.41
CA GLN F 221 -14.75 5.08 -16.56
C GLN F 221 -15.35 6.44 -16.21
N MET F 222 -14.86 7.05 -15.12
N MET F 222 -15.05 6.92 -15.01
CA MET F 222 -15.37 8.34 -14.63
CA MET F 222 -15.49 8.25 -14.61
C MET F 222 -14.48 9.55 -14.96
C MET F 222 -14.57 9.34 -15.13
N GLY F 223 -13.19 9.37 -15.23
N GLY F 223 -13.34 8.98 -15.46
CA GLY F 223 -12.34 10.51 -15.51
CA GLY F 223 -12.34 9.97 -15.81
C GLY F 223 -11.27 10.23 -16.54
C GLY F 223 -11.47 9.49 -16.95
N ILE F 224 -10.60 11.31 -16.99
N ILE F 224 -10.97 10.46 -17.69
CA ILE F 224 -9.47 11.26 -17.90
CA ILE F 224 -9.85 10.26 -18.59
C ILE F 224 -8.32 12.06 -17.30
C ILE F 224 -8.72 11.07 -18.02
N VAL F 225 -7.14 11.44 -17.22
N VAL F 225 -7.54 10.50 -17.94
CA VAL F 225 -5.96 12.14 -16.72
CA VAL F 225 -6.44 11.32 -17.42
C VAL F 225 -5.78 13.43 -17.52
C VAL F 225 -6.29 12.52 -18.33
N SER F 226 -5.82 14.58 -16.85
N SER F 226 -6.59 13.70 -17.80
CA SER F 226 -5.69 15.88 -17.52
CA SER F 226 -6.60 14.91 -18.62
C SER F 226 -4.41 16.63 -17.14
C SER F 226 -5.32 15.71 -18.42
N TRP F 227 -4.30 17.17 -15.94
N TRP F 227 -5.20 16.43 -17.30
CA TRP F 227 -3.17 18.04 -15.64
CA TRP F 227 -4.02 17.25 -17.06
C TRP F 227 -2.85 18.08 -14.14
C TRP F 227 -3.76 17.38 -15.57
N GLY F 228 -1.70 18.67 -13.81
N GLY F 228 -2.64 18.03 -15.26
CA GLY F 228 -1.35 18.94 -12.43
CA GLY F 228 -2.14 18.16 -13.91
C GLY F 228 -0.13 19.84 -12.42
C GLY F 228 -0.99 19.14 -13.98
N GLU F 229 0.24 20.26 -11.21
N GLU F 229 -0.43 19.51 -12.83
CA GLU F 229 1.47 21.03 -11.01
CA GLU F 229 0.80 20.30 -12.83
C GLU F 229 2.56 20.07 -10.51
C GLU F 229 1.80 19.63 -11.88
N GLY F 230 3.34 19.56 -11.44
N GLY F 230 2.95 19.19 -12.40
CA GLY F 230 4.29 18.52 -11.13
CA GLY F 230 3.88 18.49 -11.52
C GLY F 230 3.58 17.19 -10.98
C GLY F 230 3.41 17.05 -11.32
N CYS F 231 4.26 16.22 -10.36
N CYS F 231 4.05 16.34 -10.37
CA CYS F 231 3.61 14.94 -10.05
CA CYS F 231 3.60 14.97 -10.06
C CYS F 231 3.84 14.61 -8.58
C CYS F 231 3.83 14.65 -8.59
N ASP F 232 2.75 14.23 -7.89
CA ASP F 232 2.84 13.73 -6.50
C ASP F 232 3.38 14.75 -5.49
N ARG F 233 3.05 16.02 -5.66
CA ARG F 233 3.57 17.04 -4.74
C ARG F 233 2.71 17.19 -3.49
N ASP F 234 3.35 17.33 -2.32
CA ASP F 234 2.59 17.59 -1.11
C ASP F 234 1.69 18.80 -1.28
N GLY F 235 0.37 18.58 -1.13
CA GLY F 235 -0.58 19.68 -1.13
C GLY F 235 -1.17 20.02 -2.48
N LYS F 236 -0.72 19.36 -3.54
CA LYS F 236 -1.31 19.45 -4.87
C LYS F 236 -1.99 18.11 -5.21
N TYR F 237 -2.80 18.13 -6.29
CA TYR F 237 -3.75 17.09 -6.72
C TYR F 237 -3.70 17.01 -8.25
N GLY F 238 -3.86 15.75 -8.69
N GLY F 238 -4.42 16.02 -8.86
CA GLY F 238 -4.11 15.48 -10.08
CA GLY F 238 -4.58 15.86 -10.32
C GLY F 238 -5.47 16.03 -10.40
C GLY F 238 -6.03 15.79 -10.87
N PHE F 239 -5.57 16.73 -11.52
N PHE F 239 -6.21 15.72 -12.27
CA PHE F 239 -6.85 17.14 -12.06
CA PHE F 239 -7.44 16.08 -13.06
C PHE F 239 -7.24 16.23 -13.22
C PHE F 239 -7.91 15.18 -14.25
N TYR F 240 -8.52 15.91 -13.29
N TYR F 240 -9.22 14.89 -14.34
CA TYR F 240 -9.08 14.86 -14.16
CA TYR F 240 -9.76 13.90 -15.28
C TYR F 240 -10.28 15.46 -14.87
C TYR F 240 -11.00 14.38 -16.05
N THR F 241 -10.40 15.15 -16.18
N THR F 241 -11.10 14.02 -17.33
CA THR F 241 -11.57 15.62 -16.93
CA THR F 241 -12.33 14.27 -18.08
C THR F 241 -12.78 14.84 -16.44
C THR F 241 -13.52 13.44 -17.50
N HIS F 242 -13.87 15.58 -16.20
N HIS F 242 -14.65 14.11 -17.27
CA HIS F 242 -15.10 15.02 -15.64
CA HIS F 242 -15.86 13.55 -16.66
C HIS F 242 -15.93 14.41 -16.77
C HIS F 242 -16.63 12.84 -17.75
N VAL F 243 -15.77 13.08 -16.95
N VAL F 243 -16.45 11.51 -17.89
CA VAL F 243 -16.38 12.36 -18.09
CA VAL F 243 -17.00 10.87 -19.07
C VAL F 243 -17.91 12.49 -18.11
C VAL F 243 -18.54 10.81 -19.04
N PHE F 244 -18.58 12.26 -16.97
N PHE F 244 -19.17 10.67 -17.86
CA PHE F 244 -20.04 12.36 -16.95
CA PHE F 244 -20.64 10.76 -17.83
C PHE F 244 -20.52 13.76 -17.34
C PHE F 244 -21.18 12.09 -18.41
N ARG F 245 -19.86 14.80 -16.80
N ARG F 245 -20.56 13.22 -18.08
CA ARG F 245 -20.29 16.15 -17.11
CA ARG F 245 -21.08 14.47 -18.56
C ARG F 245 -20.24 16.42 -18.62
C ARG F 245 -20.98 14.58 -20.08
N LEU F 246 -19.36 15.75 -19.33
N LEU F 246 -20.08 13.83 -20.70
CA LEU F 246 -19.19 15.95 -20.77
CA LEU F 246 -19.82 13.94 -22.13
C LEU F 246 -19.83 14.84 -21.60
C LEU F 246 -20.45 12.76 -22.86
N LYS F 247 -20.75 14.07 -21.00
N LYS F 247 -21.20 11.95 -22.15
CA LYS F 247 -21.20 12.84 -21.67
CA LYS F 247 -21.65 10.66 -22.67
C LYS F 247 -22.09 13.15 -22.85
C LYS F 247 -22.64 10.81 -23.84
N LYS F 248 -22.85 14.25 -22.80
N LYS F 248 -23.46 11.87 -23.88
CA LYS F 248 -23.69 14.52 -23.96
CA LYS F 248 -24.35 12.03 -25.03
C LYS F 248 -22.83 14.84 -25.17
C LYS F 248 -23.55 12.17 -26.34
N TRP F 249 -21.69 15.47 -24.95
N TRP F 249 -22.44 12.94 -26.31
CA TRP F 249 -20.81 15.72 -26.09
CA TRP F 249 -21.58 13.06 -27.50
C TRP F 249 -20.26 14.42 -26.65
C TRP F 249 -20.92 11.73 -27.85
N ILE F 250 -19.82 13.51 -25.76
N ILE F 250 -20.51 10.96 -26.85
CA ILE F 250 -19.35 12.20 -26.22
CA ILE F 250 -19.89 9.68 -27.11
C ILE F 250 -20.41 11.52 -27.08
C ILE F 250 -20.90 8.75 -27.77
N GLN F 251 -21.68 11.58 -26.65
N GLN F 251 -22.14 8.78 -27.28
CA GLN F 251 -22.73 10.87 -27.40
CA GLN F 251 -23.13 7.79 -27.71
C GLN F 251 -22.98 11.50 -28.76
C GLN F 251 -23.52 8.00 -29.15
N LYS F 252 -22.98 12.83 -28.81
N LYS F 252 -23.60 9.25 -29.58
CA LYS F 252 -23.09 13.57 -30.07
CA LYS F 252 -24.09 9.56 -30.91
C LYS F 252 -22.01 13.18 -31.07
C LYS F 252 -23.06 9.20 -31.96
N VAL F 253 -20.74 13.08 -30.62
N VAL F 253 -21.78 9.40 -31.63
CA VAL F 253 -19.67 12.74 -31.56
CA VAL F 253 -20.70 9.12 -32.57
C VAL F 253 -19.87 11.34 -32.13
C VAL F 253 -20.60 7.64 -32.84
N ILE F 254 -20.17 10.37 -31.26
N ILE F 254 -20.49 6.82 -31.80
CA ILE F 254 -20.47 9.02 -31.73
CA ILE F 254 -20.51 5.38 -31.98
C ILE F 254 -21.54 9.00 -32.79
C ILE F 254 -21.71 4.98 -32.80
N ASP F 255 -22.54 9.88 -32.67
N ASP F 255 -22.89 5.53 -32.46
CA ASP F 255 -23.70 9.86 -33.57
CA ASP F 255 -24.08 5.04 -33.10
C ASP F 255 -23.29 9.96 -35.03
C ASP F 255 -24.21 5.60 -34.52
N GLN F 256 -22.15 10.59 -35.30
N GLN F 256 -23.73 6.80 -34.76
CA GLN F 256 -21.68 10.75 -36.67
CA GLN F 256 -23.87 7.39 -36.09
C GLN F 256 -20.17 10.50 -36.76
C GLN F 256 -22.82 6.90 -37.04
N GLU G 36 -20.46 -5.12 43.32
CA GLU G 36 -20.04 -6.12 42.36
C GLU G 36 -20.80 -7.45 42.51
N PHE G 37 -20.70 -8.30 41.48
CA PHE G 37 -21.38 -9.59 41.48
C PHE G 37 -20.56 -10.61 42.30
N ASP G 38 -21.23 -11.28 43.23
CA ASP G 38 -20.55 -12.24 44.12
C ASP G 38 -20.19 -13.49 43.33
N PRO G 39 -18.89 -13.74 43.07
CA PRO G 39 -18.51 -14.92 42.27
C PRO G 39 -18.89 -16.25 42.91
N SER G 40 -19.12 -16.29 44.22
CA SER G 40 -19.58 -17.55 44.76
C SER G 40 -20.95 -17.94 44.23
N LEU G 41 -21.68 -17.00 43.61
CA LEU G 41 -22.98 -17.33 43.03
C LEU G 41 -22.88 -18.27 41.84
N LEU G 42 -21.69 -18.38 41.24
CA LEU G 42 -21.41 -19.33 40.18
C LEU G 42 -21.29 -20.74 40.72
N ALA G 46 -20.39 -25.25 37.79
CA ALA G 46 -19.49 -24.39 37.02
C ALA G 46 -19.51 -24.84 35.55
N ASP G 47 -19.85 -26.11 35.33
CA ASP G 47 -19.94 -26.61 33.96
C ASP G 47 -21.26 -26.19 33.31
N ALA G 48 -21.37 -24.87 33.08
CA ALA G 48 -22.60 -24.31 32.54
C ALA G 48 -22.72 -24.70 31.07
N PRO G 49 -23.95 -24.98 30.59
CA PRO G 49 -24.14 -25.29 29.17
C PRO G 49 -23.95 -24.08 28.28
N THR G 50 -23.65 -24.35 27.01
CA THR G 50 -23.59 -23.29 26.00
C THR G 50 -24.98 -23.19 25.38
N ALA G 51 -25.49 -21.95 25.33
CA ALA G 51 -26.84 -21.70 24.84
C ALA G 51 -26.88 -21.98 23.35
N ARG G 52 -27.99 -22.59 22.90
CA ARG G 52 -28.18 -22.71 21.46
C ARG G 52 -28.12 -21.32 20.84
N ASP G 53 -27.40 -21.19 19.73
CA ASP G 53 -27.04 -19.90 19.15
C ASP G 53 -27.81 -19.69 17.84
N PRO G 54 -28.67 -18.69 17.74
CA PRO G 54 -29.41 -18.50 16.49
C PRO G 54 -28.48 -18.07 15.35
N GLY G 55 -27.28 -17.60 15.66
CA GLY G 55 -26.31 -17.26 14.62
C GLY G 55 -25.96 -18.41 13.72
N ARG G 56 -26.01 -19.65 14.24
CA ARG G 56 -25.65 -20.81 13.41
C ARG G 56 -26.89 -21.61 13.08
N ASN G 57 -28.07 -21.12 13.52
CA ASN G 57 -29.33 -21.76 13.12
C ASN G 57 -30.36 -20.71 12.78
N PRO G 58 -30.09 -19.74 11.90
CA PRO G 58 -31.02 -18.62 11.80
C PRO G 58 -32.33 -19.03 11.17
N GLU G 59 -33.41 -18.41 11.63
CA GLU G 59 -34.74 -18.77 11.12
C GLU G 59 -34.94 -18.42 9.66
N PHE G 60 -34.20 -17.44 9.14
CA PHE G 60 -34.26 -17.09 7.72
C PHE G 60 -33.83 -18.24 6.78
N LEU G 61 -33.21 -19.30 7.29
CA LEU G 61 -32.88 -20.44 6.44
C LEU G 61 -33.96 -21.50 6.43
N ARG G 62 -34.96 -21.42 7.31
CA ARG G 62 -35.96 -22.48 7.45
C ARG G 62 -37.25 -22.00 6.84
N GLU H 35 39.06 10.54 26.38
CA GLU H 35 39.09 11.89 25.82
C GLU H 35 37.79 12.29 25.07
N GLU H 36 37.49 13.59 25.14
CA GLU H 36 36.29 14.19 24.59
C GLU H 36 36.67 15.14 23.46
N PHE H 37 35.94 15.11 22.34
CA PHE H 37 36.20 16.06 21.27
C PHE H 37 35.66 17.43 21.63
N ASP H 38 36.37 18.49 21.20
CA ASP H 38 35.85 19.82 21.45
C ASP H 38 35.19 20.26 20.13
N PRO H 39 33.85 20.36 20.06
CA PRO H 39 33.18 20.84 18.84
C PRO H 39 33.55 22.25 18.40
N SER H 40 34.15 23.05 19.29
CA SER H 40 34.65 24.35 18.83
C SER H 40 35.84 24.24 17.87
N LEU H 41 36.40 23.04 17.70
CA LEU H 41 37.48 22.84 16.75
C LEU H 41 37.01 22.51 15.35
N LEU H 42 35.71 22.37 15.14
CA LEU H 42 35.27 22.22 13.76
C LEU H 42 35.49 23.51 13.03
N GLU H 43 35.87 23.38 11.75
CA GLU H 43 36.33 24.55 11.02
C GLU H 43 35.21 25.56 10.83
N GLU H 44 35.56 26.84 10.98
CA GLU H 44 34.62 27.96 10.93
C GLU H 44 33.79 27.98 9.65
N HIS H 45 32.49 27.69 9.77
CA HIS H 45 31.56 27.59 8.64
C HIS H 45 32.20 26.99 7.39
N ALA H 46 33.03 25.96 7.58
CA ALA H 46 33.60 25.27 6.44
C ALA H 46 32.54 24.37 5.85
N ASP H 47 32.54 24.30 4.54
CA ASP H 47 31.77 23.33 3.80
C ASP H 47 32.76 22.18 3.51
N ALA H 48 32.79 21.17 4.39
CA ALA H 48 33.81 20.13 4.22
C ALA H 48 33.65 19.41 2.89
N PRO H 49 34.74 19.13 2.19
CA PRO H 49 34.70 18.31 0.99
C PRO H 49 34.25 16.89 1.32
N THR H 50 33.82 16.17 0.28
CA THR H 50 33.56 14.73 0.43
C THR H 50 34.73 13.98 -0.19
N ALA H 51 35.35 13.11 0.60
CA ALA H 51 36.50 12.36 0.14
C ALA H 51 36.16 11.47 -1.05
N ARG H 52 37.07 11.40 -2.03
CA ARG H 52 36.94 10.39 -3.07
C ARG H 52 36.81 9.01 -2.43
N ASP H 53 35.85 8.18 -2.92
CA ASP H 53 35.49 6.93 -2.24
C ASP H 53 35.93 5.79 -3.13
N PRO H 54 36.80 4.92 -2.65
CA PRO H 54 37.26 3.82 -3.50
C PRO H 54 36.14 2.84 -3.73
N GLY H 55 35.11 2.88 -2.91
CA GLY H 55 33.96 2.02 -3.14
C GLY H 55 33.32 2.16 -4.51
N ARG H 56 33.30 3.37 -5.06
CA ARG H 56 32.67 3.59 -6.36
C ARG H 56 33.70 3.72 -7.44
N ASN H 57 35.00 3.59 -7.07
CA ASN H 57 36.10 3.66 -8.03
C ASN H 57 37.12 2.53 -7.74
N PRO H 58 36.71 1.28 -7.54
CA PRO H 58 37.66 0.31 -6.99
C PRO H 58 38.72 -0.03 -8.00
N GLU H 59 39.97 -0.15 -7.52
CA GLU H 59 41.05 -0.44 -8.44
C GLU H 59 40.91 -1.79 -9.12
N PHE H 60 40.11 -2.69 -8.56
CA PHE H 60 39.95 -3.97 -9.25
C PHE H 60 39.19 -3.83 -10.57
N LEU H 61 38.51 -2.70 -10.79
CA LEU H 61 37.91 -2.49 -12.10
C LEU H 61 38.96 -2.08 -13.13
N ARG H 62 39.91 -1.26 -12.70
CA ARG H 62 40.82 -0.51 -13.54
C ARG H 62 41.88 -1.41 -14.14
N ASN H 63 42.46 -0.93 -15.24
CA ASN H 63 43.49 -1.64 -15.97
C ASN H 63 44.59 -0.67 -16.38
N ARG I 52 5.14 14.73 -27.36
CA ARG I 52 5.41 14.81 -25.93
C ARG I 52 4.12 14.74 -25.03
N ASP I 53 4.11 15.42 -23.88
CA ASP I 53 2.88 15.52 -23.09
C ASP I 53 2.94 16.75 -22.22
N PRO I 54 2.11 17.76 -22.51
CA PRO I 54 2.07 18.96 -21.68
C PRO I 54 1.27 18.80 -20.40
N GLY I 55 0.67 17.63 -20.20
CA GLY I 55 -0.30 17.46 -19.15
C GLY I 55 0.22 17.94 -17.82
N ARG I 56 1.49 17.66 -17.51
CA ARG I 56 2.02 17.95 -16.19
C ARG I 56 2.83 19.24 -16.08
N ASN I 57 3.06 19.95 -17.17
CA ASN I 57 3.76 21.23 -17.13
C ASN I 57 3.15 22.22 -18.12
N PRO I 58 1.87 22.57 -17.94
CA PRO I 58 1.18 23.40 -18.91
C PRO I 58 1.75 24.81 -18.93
N GLU I 59 1.71 25.45 -20.09
CA GLU I 59 2.17 26.85 -20.15
C GLU I 59 1.37 27.79 -19.26
N PHE I 60 0.13 27.42 -18.85
CA PHE I 60 -0.62 28.35 -18.03
C PHE I 60 -0.06 28.53 -16.63
N LEU I 61 0.86 27.67 -16.20
CA LEU I 61 1.57 27.90 -14.96
C LEU I 61 2.54 29.08 -15.09
C1 NAG J . -37.02 -5.63 25.11
C2 NAG J . -37.95 -4.80 24.22
C3 NAG J . -38.00 -3.34 24.69
C4 NAG J . -38.27 -3.23 26.18
C5 NAG J . -37.35 -4.13 26.98
C6 NAG J . -37.80 -4.22 28.42
C7 NAG J . -38.11 -5.67 21.92
C8 NAG J . -37.56 -5.60 20.53
N2 NAG J . -37.53 -4.86 22.83
O3 NAG J . -39.08 -2.70 24.02
O4 NAG J . -38.06 -1.88 26.60
O5 NAG J . -37.40 -5.48 26.47
O6 NAG J . -39.12 -4.74 28.50
O7 NAG J . -39.03 -6.42 22.22
NA NA K . -16.69 -24.00 5.19
C1 NAG L . 48.01 0.11 9.44
C2 NAG L . 48.77 -1.19 9.18
C3 NAG L . 49.15 -1.85 10.50
C4 NAG L . 49.95 -0.91 11.37
C5 NAG L . 49.18 0.38 11.61
C6 NAG L . 50.06 1.41 12.28
C7 NAG L . 48.10 -2.27 7.07
C8 NAG L . 47.18 -3.29 6.44
N2 NAG L . 47.96 -2.10 8.38
O3 NAG L . 49.91 -3.02 10.20
O4 NAG L . 50.30 -1.54 12.61
O5 NAG L . 48.77 0.96 10.35
O6 NAG L . 49.42 2.66 12.51
O7 NAG L . 48.90 -1.62 6.41
NA NA M . 21.58 0.84 -11.83
C1 NAG N . -4.29 20.87 -37.49
C2 NAG N . -5.03 22.16 -37.48
C3 NAG N . -6.04 22.15 -38.63
C4 NAG N . -5.81 21.01 -39.62
C5 NAG N . -4.36 20.53 -39.73
C6 NAG N . -3.62 21.15 -40.90
C7 NAG N . -5.46 23.44 -35.44
C8 NAG N . -4.40 24.38 -35.92
N2 NAG N . -5.70 22.38 -36.22
O3 NAG N . -6.04 23.41 -39.29
O4 NAG N . -6.62 19.90 -39.26
O5 NAG N . -3.58 20.80 -38.55
O6 NAG N . -2.71 20.21 -41.46
O7 NAG N . -6.06 23.63 -34.39
NA NA O . -0.19 15.55 -3.76
#